data_9BHW
#
_entry.id   9BHW
#
_cell.length_a   1.00
_cell.length_b   1.00
_cell.length_c   1.00
_cell.angle_alpha   90.00
_cell.angle_beta   90.00
_cell.angle_gamma   90.00
#
_symmetry.space_group_name_H-M   'P 1'
#
loop_
_entity.id
_entity.type
_entity.pdbx_description
1 polymer CiSeptin-7
2 polymer 'Neuronal-specific septin-3'
3 non-polymer "GUANOSINE-5'-DIPHOSPHATE"
#
loop_
_entity_poly.entity_id
_entity_poly.type
_entity_poly.pdbx_seq_one_letter_code
_entity_poly.pdbx_strand_id
1 'polypeptide(L)'
;MVLLNQDMAQQPKALDSYVGFANLPNQLYRKSVKQGFEFTLMVVGESGLGKSTLINSLFLSDLYSNEYPGPSLRIKKTVK
VETTKVLIKENGVTLRLTIDDTPGFGDAVDNSNCWQAVINHIEKKFEDYLNAESMVTRSKLADNRVHCCLYFIAPTGHGL
KPLDVEFMKNLHDKVNIIPLIAKADTMTPEECLRFKKQIMKEIHEHKIQLYEFPECEDEEENRLNRKLKSRVPFAVVGSN
TVLEIGGRRVRGRQYPWGVAEVENIDHCDFTVLRNMLVRTHMQDLKDVTNNVHYENYRSKKLSSVTTTTMDGRSKAQTKS
PLAQMEEEKSEHMQKMKKMEMEEVFRMKVHEKKQKLQESEADLSRRHEAMKKKLEAEYAALDEKQRQYEKDKQDFEALQL
KLMEDRKSDNRTLGRKKKW
;
A,D
2 'polypeptide(L)'
;MTTPLEGYVGIDTLTEQIRKKALRQGFEFNVMVVGSAGLGKSTLVNTIFKSKVSRRQPEEDYHTPSTVEIKTISHVIEEK
GILLKLSVTDTPGFGDQVDNTNCWQPIMRHVNEQYEKYLNEEISIKRRKRIPDTRVHCCIYFIPPSGHSLRLVDIEVMKR
LVEIVNVIPVIAKSDSLTLEERERFKATIQQQLIEHNIRVYPDLENLDVDDETERQRNLKLKERLPFAIVGSSTTHQVGS
KAVLGRKAGWGVIEVENDAHCEFNHLRNMIIRTNLQDLKEVTAQVHYELYRHRRLETLKKVPLDSVGSTPSSPSYDITNS
EPNHKKVANTPKLGETGKAIAASQKEVVEALSESKIWSHPQFEK
;
B,C
#
loop_
_chem_comp.id
_chem_comp.type
_chem_comp.name
_chem_comp.formula
GDP RNA linking GUANOSINE-5'-DIPHOSPHATE 'C10 H15 N5 O11 P2'
#
# COMPACT_ATOMS: atom_id res chain seq x y z
N GLY A 36 0.69 -47.37 65.53
CA GLY A 36 0.73 -46.78 64.21
C GLY A 36 2.03 -46.08 63.90
N PHE A 37 2.14 -45.54 62.69
CA PHE A 37 3.33 -44.83 62.26
C PHE A 37 2.96 -43.38 61.97
N GLU A 38 3.93 -42.48 62.14
CA GLU A 38 3.72 -41.05 61.97
C GLU A 38 4.66 -40.52 60.88
N PHE A 39 4.14 -39.64 60.04
CA PHE A 39 4.93 -39.05 58.97
C PHE A 39 4.36 -37.68 58.60
N THR A 40 5.24 -36.75 58.24
CA THR A 40 4.85 -35.41 57.84
C THR A 40 5.53 -35.07 56.52
N LEU A 41 4.70 -34.82 55.51
CA LEU A 41 5.14 -34.51 54.16
C LEU A 41 4.65 -33.12 53.79
N MET A 42 5.56 -32.27 53.35
CA MET A 42 5.25 -30.92 52.94
C MET A 42 5.32 -30.82 51.43
N VAL A 43 4.41 -30.06 50.83
CA VAL A 43 4.35 -29.87 49.39
C VAL A 43 4.56 -28.39 49.08
N VAL A 44 5.62 -28.09 48.32
CA VAL A 44 5.97 -26.74 47.94
C VAL A 44 6.07 -26.67 46.42
N GLY A 45 5.38 -25.70 45.84
CA GLY A 45 5.46 -25.48 44.41
C GLY A 45 4.45 -24.48 43.91
N GLU A 46 4.64 -23.99 42.70
CA GLU A 46 3.66 -23.09 42.08
C GLU A 46 2.38 -23.84 41.76
N SER A 47 1.29 -23.11 41.69
CA SER A 47 -0.02 -23.72 41.50
C SER A 47 -0.14 -24.31 40.10
N GLY A 48 -0.93 -25.38 39.99
CA GLY A 48 -1.14 -26.01 38.71
C GLY A 48 0.00 -26.88 38.22
N LEU A 49 0.72 -27.52 39.15
CA LEU A 49 1.83 -28.40 38.81
C LEU A 49 1.56 -29.85 39.17
N GLY A 50 0.30 -30.23 39.34
CA GLY A 50 -0.04 -31.61 39.63
C GLY A 50 0.26 -32.05 41.04
N LYS A 51 0.29 -31.11 41.97
CA LYS A 51 0.68 -31.43 43.36
C LYS A 51 -0.40 -32.27 44.01
N SER A 52 -1.64 -31.88 43.96
CA SER A 52 -2.73 -32.61 44.59
C SER A 52 -2.94 -33.96 43.95
N THR A 53 -2.85 -34.02 42.61
CA THR A 53 -3.05 -35.28 41.93
C THR A 53 -1.96 -36.28 42.31
N LEU A 54 -0.72 -35.82 42.41
CA LEU A 54 0.37 -36.71 42.83
C LEU A 54 0.17 -37.19 44.26
N ILE A 55 -0.28 -36.30 45.15
CA ILE A 55 -0.50 -36.71 46.53
C ILE A 55 -1.62 -37.74 46.63
N ASN A 56 -2.70 -37.57 45.86
CA ASN A 56 -3.73 -38.60 45.81
C ASN A 56 -3.17 -39.90 45.24
N SER A 57 -2.34 -39.80 44.20
CA SER A 57 -1.87 -40.99 43.52
C SER A 57 -0.95 -41.83 44.41
N LEU A 58 -0.05 -41.18 45.14
CA LEU A 58 0.88 -41.93 45.99
C LEU A 58 0.14 -42.71 47.07
N PHE A 59 -0.85 -42.10 47.71
CA PHE A 59 -1.49 -42.69 48.88
C PHE A 59 -2.85 -43.30 48.58
N LEU A 60 -3.26 -43.30 47.31
CA LEU A 60 -4.44 -44.04 46.86
C LEU A 60 -5.69 -43.62 47.62
N SER A 61 -5.78 -42.35 47.97
CA SER A 61 -6.91 -41.86 48.75
C SER A 61 -7.32 -40.49 48.25
N ASP A 62 -8.59 -40.15 48.48
CA ASP A 62 -9.15 -38.85 48.11
C ASP A 62 -8.81 -37.81 49.19
N LEU A 63 -7.50 -37.57 49.34
CA LEU A 63 -7.03 -36.61 50.32
C LEU A 63 -7.50 -35.20 49.99
N TYR A 64 -7.74 -34.94 48.70
CA TYR A 64 -8.21 -33.63 48.26
C TYR A 64 -9.56 -33.72 47.59
N THR A 78 -1.16 -14.47 49.91
CA THR A 78 -0.71 -14.83 51.29
C THR A 78 -0.31 -16.30 51.33
N VAL A 79 1.00 -16.57 51.38
CA VAL A 79 1.48 -17.96 51.45
C VAL A 79 1.55 -18.34 52.89
N LYS A 80 0.68 -19.24 53.32
CA LYS A 80 0.82 -19.75 54.68
C LYS A 80 1.10 -21.25 54.54
N VAL A 81 0.67 -22.06 55.49
CA VAL A 81 0.83 -23.51 55.50
C VAL A 81 -0.47 -24.12 55.97
N GLU A 82 -1.05 -24.98 55.14
CA GLU A 82 -2.31 -25.64 55.45
C GLU A 82 -2.04 -27.10 55.77
N THR A 83 -2.62 -27.58 56.86
CA THR A 83 -2.37 -28.92 57.38
C THR A 83 -3.58 -29.81 57.16
N THR A 84 -3.32 -31.03 56.69
CA THR A 84 -4.37 -32.02 56.50
C THR A 84 -3.91 -33.34 57.09
N LYS A 85 -4.75 -33.96 57.91
CA LYS A 85 -4.44 -35.21 58.57
C LYS A 85 -5.29 -36.32 57.97
N VAL A 86 -4.65 -37.45 57.65
CA VAL A 86 -5.36 -38.60 57.12
C VAL A 86 -4.89 -39.84 57.87
N LEU A 87 -5.74 -40.87 57.90
CA LEU A 87 -5.43 -42.12 58.57
C LEU A 87 -5.53 -43.23 57.53
N ILE A 88 -4.38 -43.64 56.99
CA ILE A 88 -4.31 -44.60 55.89
C ILE A 88 -4.03 -45.98 56.48
N LYS A 89 -4.93 -46.92 56.23
CA LYS A 89 -4.82 -48.28 56.72
C LYS A 89 -4.59 -49.20 55.51
N GLU A 90 -3.32 -49.34 55.12
CA GLU A 90 -2.96 -50.20 54.01
C GLU A 90 -1.68 -50.96 54.37
N ASN A 91 -1.53 -52.13 53.76
CA ASN A 91 -0.37 -53.00 53.98
C ASN A 91 -0.22 -53.39 55.44
N GLY A 92 -1.32 -53.49 56.16
CA GLY A 92 -1.30 -53.89 57.56
C GLY A 92 -0.99 -52.75 58.50
N VAL A 93 0.17 -52.13 58.33
CA VAL A 93 0.59 -51.04 59.20
C VAL A 93 -0.24 -49.79 58.90
N THR A 94 -0.74 -49.16 59.95
CA THR A 94 -1.57 -47.98 59.83
C THR A 94 -0.71 -46.72 59.98
N LEU A 95 -0.87 -45.78 59.05
CA LEU A 95 -0.09 -44.55 59.02
C LEU A 95 -1.00 -43.36 59.26
N ARG A 96 -0.62 -42.58 60.28
CA ARG A 96 -1.32 -41.31 60.57
C ARG A 96 -0.46 -40.31 59.83
N LEU A 97 -0.93 -39.83 58.69
CA LEU A 97 -0.09 -39.05 57.79
C LEU A 97 -0.53 -37.59 57.80
N THR A 98 0.46 -36.68 57.74
CA THR A 98 0.20 -35.26 57.74
C THR A 98 0.73 -34.66 56.44
N ILE A 99 -0.10 -33.85 55.78
CA ILE A 99 0.29 -33.13 54.58
C ILE A 99 0.25 -31.65 54.87
N ASP A 100 1.38 -30.99 54.69
CA ASP A 100 1.50 -29.55 54.85
C ASP A 100 1.67 -28.93 53.46
N ASP A 101 0.57 -28.45 52.90
CA ASP A 101 0.64 -27.74 51.63
C ASP A 101 1.03 -26.29 51.88
N THR A 102 1.79 -25.73 50.94
CA THR A 102 1.97 -24.29 51.06
C THR A 102 1.29 -23.56 49.89
N PRO A 103 0.00 -23.30 49.98
CA PRO A 103 -0.70 -22.66 48.88
C PRO A 103 -0.34 -21.19 48.76
N GLY A 104 -0.40 -20.68 47.54
CA GLY A 104 0.01 -19.33 47.24
C GLY A 104 1.48 -19.15 46.98
N PHE A 105 2.26 -20.23 46.98
CA PHE A 105 3.69 -20.12 46.71
C PHE A 105 3.94 -19.83 45.24
N GLY A 106 4.64 -18.73 44.97
CA GLY A 106 4.97 -18.38 43.60
C GLY A 106 3.83 -17.87 42.77
N ASP A 107 2.68 -17.56 43.38
CA ASP A 107 1.52 -17.10 42.66
C ASP A 107 1.38 -15.58 42.68
N ALA A 108 2.35 -14.87 43.23
CA ALA A 108 2.29 -13.42 43.34
C ALA A 108 3.24 -12.77 42.36
N VAL A 109 2.98 -11.49 42.07
CA VAL A 109 3.84 -10.74 41.16
C VAL A 109 5.21 -10.52 41.79
N ASP A 110 5.25 -10.16 43.06
CA ASP A 110 6.49 -10.05 43.82
C ASP A 110 6.55 -11.22 44.79
N ASN A 111 7.60 -12.02 44.67
CA ASN A 111 7.77 -13.21 45.49
C ASN A 111 8.95 -13.10 46.44
N SER A 112 9.35 -11.88 46.79
CA SER A 112 10.47 -11.70 47.69
C SER A 112 10.14 -12.20 49.09
N ASN A 113 11.04 -13.00 49.66
CA ASN A 113 10.91 -13.51 51.02
C ASN A 113 9.59 -14.26 51.21
N CYS A 114 9.19 -15.03 50.20
CA CYS A 114 8.00 -15.86 50.33
C CYS A 114 8.30 -17.20 50.97
N TRP A 115 9.56 -17.50 51.23
CA TRP A 115 9.97 -18.75 51.87
C TRP A 115 10.09 -18.61 53.38
N GLN A 116 9.74 -17.47 53.95
CA GLN A 116 9.83 -17.31 55.39
C GLN A 116 8.72 -18.06 56.11
N ALA A 117 7.58 -18.28 55.44
CA ALA A 117 6.49 -19.01 56.07
C ALA A 117 6.86 -20.46 56.36
N VAL A 118 7.51 -21.12 55.40
CA VAL A 118 7.91 -22.51 55.62
C VAL A 118 9.00 -22.60 56.67
N ILE A 119 9.93 -21.64 56.66
CA ILE A 119 10.96 -21.60 57.70
C ILE A 119 10.32 -21.47 59.07
N ASN A 120 9.34 -20.56 59.19
CA ASN A 120 8.65 -20.38 60.46
C ASN A 120 7.93 -21.65 60.88
N HIS A 121 7.30 -22.34 59.93
CA HIS A 121 6.59 -23.57 60.26
C HIS A 121 7.54 -24.63 60.79
N ILE A 122 8.67 -24.84 60.08
CA ILE A 122 9.62 -25.87 60.50
C ILE A 122 10.19 -25.53 61.88
N GLU A 123 10.56 -24.27 62.10
CA GLU A 123 11.14 -23.90 63.38
C GLU A 123 10.11 -23.95 64.50
N LYS A 124 8.85 -23.64 64.21
CA LYS A 124 7.80 -23.79 65.21
C LYS A 124 7.63 -25.24 65.62
N LYS A 125 7.63 -26.16 64.65
CA LYS A 125 7.56 -27.57 64.98
C LYS A 125 8.78 -28.00 65.80
N PHE A 126 9.96 -27.47 65.44
CA PHE A 126 11.17 -27.76 66.20
C PHE A 126 11.02 -27.34 67.66
N GLU A 127 10.54 -26.11 67.88
CA GLU A 127 10.37 -25.62 69.25
C GLU A 127 9.32 -26.43 70.01
N ASP A 128 8.23 -26.80 69.35
CA ASP A 128 7.22 -27.60 70.03
C ASP A 128 7.79 -28.95 70.47
N TYR A 129 8.56 -29.59 69.60
CA TYR A 129 9.19 -30.85 70.00
C TYR A 129 10.19 -30.64 71.13
N LEU A 130 10.99 -29.58 71.06
CA LEU A 130 11.98 -29.32 72.09
C LEU A 130 11.33 -29.09 73.45
N ASN A 131 10.22 -28.34 73.47
CA ASN A 131 9.48 -28.14 74.70
C ASN A 131 8.86 -29.43 75.20
N ALA A 132 8.30 -30.23 74.28
CA ALA A 132 7.67 -31.48 74.69
C ALA A 132 8.69 -32.48 75.22
N GLU A 133 9.96 -32.31 74.86
CA GLU A 133 11.01 -33.18 75.40
C GLU A 133 11.08 -33.07 76.92
N SER A 134 10.98 -31.85 77.45
CA SER A 134 11.02 -31.64 78.89
C SER A 134 9.63 -31.74 79.50
N ALA A 142 4.66 -37.25 70.27
CA ALA A 142 4.32 -37.33 68.86
C ALA A 142 5.28 -36.49 68.03
N ASP A 143 5.87 -37.10 67.00
CA ASP A 143 6.81 -36.41 66.12
C ASP A 143 6.02 -35.70 65.03
N ASN A 144 5.77 -34.42 65.26
CA ASN A 144 5.09 -33.59 64.28
C ASN A 144 6.06 -32.80 63.41
N ARG A 145 7.37 -33.05 63.52
CA ARG A 145 8.33 -32.34 62.69
C ARG A 145 8.11 -32.70 61.22
N VAL A 146 8.32 -31.72 60.35
CA VAL A 146 8.14 -31.95 58.91
C VAL A 146 9.31 -32.79 58.41
N HIS A 147 9.04 -34.04 58.09
CA HIS A 147 10.11 -34.98 57.77
C HIS A 147 10.53 -34.88 56.31
N CYS A 148 9.59 -34.72 55.39
CA CYS A 148 9.95 -34.63 53.99
C CYS A 148 9.36 -33.36 53.37
N CYS A 149 10.04 -32.84 52.35
CA CYS A 149 9.58 -31.67 51.61
C CYS A 149 9.73 -31.93 50.13
N LEU A 150 8.61 -32.08 49.43
CA LEU A 150 8.61 -32.26 47.98
C LEU A 150 8.52 -30.90 47.31
N TYR A 151 9.57 -30.52 46.59
CA TYR A 151 9.59 -29.28 45.83
C TYR A 151 9.32 -29.59 44.37
N PHE A 152 8.38 -28.86 43.78
CA PHE A 152 7.99 -29.07 42.39
C PHE A 152 8.63 -28.00 41.51
N ILE A 153 9.40 -28.44 40.52
CA ILE A 153 10.06 -27.55 39.58
C ILE A 153 9.30 -27.59 38.27
N ALA A 154 9.02 -26.42 37.71
CA ALA A 154 8.22 -26.35 36.49
C ALA A 154 8.96 -27.00 35.32
N PRO A 155 8.27 -27.79 34.51
CA PRO A 155 8.92 -28.42 33.36
C PRO A 155 9.25 -27.43 32.25
N THR A 156 10.30 -26.64 32.45
CA THR A 156 10.66 -25.58 31.52
C THR A 156 11.72 -26.02 30.51
N GLY A 157 12.76 -26.71 30.97
CA GLY A 157 13.79 -27.22 30.09
C GLY A 157 15.06 -26.40 30.02
N HIS A 158 15.22 -25.41 30.89
CA HIS A 158 16.39 -24.55 30.86
C HIS A 158 17.25 -24.64 32.10
N GLY A 159 16.63 -24.69 33.28
CA GLY A 159 17.39 -24.72 34.51
C GLY A 159 16.54 -24.20 35.64
N LEU A 160 17.19 -24.05 36.80
CA LEU A 160 16.50 -23.56 37.99
C LEU A 160 16.18 -22.08 37.85
N LYS A 161 14.95 -21.71 38.19
CA LYS A 161 14.60 -20.32 38.31
C LYS A 161 15.24 -19.73 39.57
N PRO A 162 15.40 -18.41 39.63
CA PRO A 162 15.92 -17.80 40.85
C PRO A 162 15.10 -18.10 42.10
N LEU A 163 13.78 -18.24 41.97
CA LEU A 163 12.95 -18.54 43.14
C LEU A 163 13.27 -19.92 43.71
N ASP A 164 13.43 -20.92 42.84
CA ASP A 164 13.78 -22.26 43.29
C ASP A 164 15.15 -22.25 43.96
N VAL A 165 16.11 -21.53 43.37
CA VAL A 165 17.43 -21.44 43.96
C VAL A 165 17.36 -20.83 45.34
N GLU A 166 16.56 -19.76 45.49
CA GLU A 166 16.47 -19.11 46.79
C GLU A 166 15.81 -20.02 47.83
N PHE A 167 14.73 -20.70 47.45
CA PHE A 167 14.07 -21.60 48.38
C PHE A 167 15.00 -22.71 48.83
N MET A 168 15.70 -23.34 47.88
CA MET A 168 16.59 -24.43 48.24
C MET A 168 17.89 -23.96 48.87
N LYS A 169 18.22 -22.68 48.78
CA LYS A 169 19.39 -22.13 49.45
C LYS A 169 19.09 -21.74 50.89
N ASN A 170 17.86 -21.31 51.17
CA ASN A 170 17.48 -20.96 52.53
C ASN A 170 16.68 -22.03 53.25
N LEU A 171 16.44 -23.20 52.63
CA LEU A 171 15.76 -24.29 53.30
C LEU A 171 16.54 -25.59 53.33
N HIS A 172 17.75 -25.65 52.76
CA HIS A 172 18.44 -26.93 52.66
C HIS A 172 19.04 -27.38 53.99
N ASP A 173 19.18 -26.48 54.96
CA ASP A 173 19.61 -26.84 56.30
C ASP A 173 18.48 -26.73 57.32
N LYS A 174 17.23 -26.82 56.87
CA LYS A 174 16.07 -26.96 57.75
C LYS A 174 15.29 -28.24 57.54
N VAL A 175 15.11 -28.69 56.30
CA VAL A 175 14.28 -29.85 56.01
C VAL A 175 14.88 -30.61 54.83
N ASN A 176 14.58 -31.90 54.76
CA ASN A 176 15.04 -32.73 53.65
C ASN A 176 14.29 -32.35 52.37
N ILE A 177 15.03 -31.92 51.36
CA ILE A 177 14.45 -31.44 50.12
C ILE A 177 14.56 -32.54 49.08
N ILE A 178 13.41 -32.94 48.53
CA ILE A 178 13.36 -33.89 47.42
C ILE A 178 12.83 -33.14 46.20
N PRO A 179 13.68 -32.76 45.25
CA PRO A 179 13.21 -32.03 44.08
C PRO A 179 12.54 -32.97 43.08
N LEU A 180 11.31 -32.62 42.71
CA LEU A 180 10.56 -33.33 41.68
C LEU A 180 10.29 -32.39 40.52
N ILE A 181 10.51 -32.88 39.30
CA ILE A 181 10.15 -32.11 38.12
C ILE A 181 8.68 -32.35 37.86
N ALA A 182 7.86 -31.34 38.12
CA ALA A 182 6.42 -31.48 38.00
C ALA A 182 6.03 -31.70 36.55
N LYS A 183 5.02 -32.54 36.33
CA LYS A 183 4.45 -32.78 35.01
C LYS A 183 5.53 -33.25 34.03
N ALA A 184 6.09 -34.42 34.31
CA ALA A 184 7.00 -35.05 33.37
C ALA A 184 6.29 -35.47 32.09
N ASP A 185 4.95 -35.49 32.02
CA ASP A 185 4.33 -35.98 30.76
C ASP A 185 4.38 -34.90 29.69
N THR A 186 4.97 -33.74 29.98
CA THR A 186 5.13 -32.74 28.94
C THR A 186 6.56 -32.61 28.42
N MET A 187 7.44 -33.56 28.73
CA MET A 187 8.79 -33.54 28.21
C MET A 187 9.12 -34.86 27.53
N THR A 188 9.86 -34.77 26.44
CA THR A 188 10.46 -35.94 25.82
C THR A 188 11.62 -36.43 26.68
N PRO A 189 11.99 -37.71 26.55
CA PRO A 189 13.09 -38.23 27.37
C PRO A 189 14.39 -37.45 27.26
N GLU A 190 14.77 -37.01 26.06
CA GLU A 190 16.00 -36.25 25.91
C GLU A 190 15.93 -34.93 26.67
N GLU A 191 14.79 -34.24 26.58
CA GLU A 191 14.60 -33.01 27.32
C GLU A 191 14.66 -33.26 28.82
N CYS A 192 14.07 -34.36 29.27
CA CYS A 192 14.10 -34.68 30.70
C CYS A 192 15.52 -34.88 31.19
N LEU A 193 16.33 -35.63 30.43
CA LEU A 193 17.72 -35.83 30.84
C LEU A 193 18.51 -34.53 30.83
N ARG A 194 18.33 -33.70 29.80
CA ARG A 194 19.06 -32.44 29.75
C ARG A 194 18.67 -31.53 30.91
N PHE A 195 17.37 -31.47 31.22
CA PHE A 195 16.89 -30.65 32.34
C PHE A 195 17.42 -31.17 33.67
N LYS A 196 17.44 -32.49 33.84
CA LYS A 196 18.00 -33.05 35.07
C LYS A 196 19.46 -32.70 35.22
N LYS A 197 20.24 -32.80 34.14
CA LYS A 197 21.65 -32.48 34.22
C LYS A 197 21.87 -31.02 34.56
N GLN A 198 21.11 -30.12 33.93
CA GLN A 198 21.26 -28.69 34.20
C GLN A 198 20.87 -28.35 35.64
N ILE A 199 19.78 -28.95 36.14
CA ILE A 199 19.35 -28.70 37.51
C ILE A 199 20.41 -29.16 38.48
N MET A 200 20.96 -30.36 38.27
CA MET A 200 21.98 -30.87 39.18
C MET A 200 23.24 -30.03 39.14
N LYS A 201 23.62 -29.56 37.95
CA LYS A 201 24.79 -28.68 37.85
C LYS A 201 24.58 -27.39 38.62
N GLU A 202 23.40 -26.79 38.50
CA GLU A 202 23.16 -25.53 39.23
C GLU A 202 23.05 -25.77 40.73
N ILE A 203 22.55 -26.94 41.14
CA ILE A 203 22.51 -27.25 42.57
C ILE A 203 23.91 -27.41 43.12
N HIS A 204 24.78 -28.10 42.39
CA HIS A 204 26.16 -28.24 42.84
C HIS A 204 26.94 -26.95 42.74
N GLU A 205 26.51 -26.01 41.90
CA GLU A 205 27.21 -24.74 41.79
C GLU A 205 26.89 -23.81 42.96
N HIS A 206 25.65 -23.82 43.44
CA HIS A 206 25.22 -22.95 44.52
C HIS A 206 25.40 -23.59 45.90
N LYS A 207 25.98 -24.79 45.95
CA LYS A 207 26.25 -25.49 47.20
C LYS A 207 24.97 -25.73 48.00
N ILE A 208 24.05 -26.48 47.37
CA ILE A 208 22.79 -26.87 47.99
C ILE A 208 22.89 -28.34 48.36
N GLN A 209 22.61 -28.65 49.63
CA GLN A 209 22.70 -30.02 50.13
C GLN A 209 21.29 -30.61 50.15
N LEU A 210 20.99 -31.43 49.16
CA LEU A 210 19.72 -32.12 49.10
C LEU A 210 19.79 -33.40 49.92
N TYR A 211 18.75 -34.22 49.80
CA TYR A 211 18.67 -35.47 50.54
C TYR A 211 19.13 -36.63 49.67
N GLU A 212 20.12 -37.36 50.16
CA GLU A 212 20.67 -38.52 49.47
C GLU A 212 20.07 -39.78 50.07
N PHE A 213 19.39 -40.57 49.25
CA PHE A 213 18.76 -41.78 49.73
C PHE A 213 19.82 -42.82 50.09
N PRO A 214 19.55 -43.63 51.10
CA PRO A 214 20.53 -44.62 51.55
C PRO A 214 20.50 -45.89 50.70
N GLU A 215 21.45 -46.78 50.98
CA GLU A 215 21.48 -48.07 50.31
C GLU A 215 20.30 -48.92 50.76
N CYS A 216 19.77 -49.72 49.84
CA CYS A 216 18.64 -50.58 50.13
C CYS A 216 19.04 -51.72 51.06
N ASN A 225 17.66 -50.93 42.12
CA ASN A 225 17.25 -49.57 42.44
C ASN A 225 18.43 -48.60 42.33
N ARG A 226 19.59 -49.14 41.95
CA ARG A 226 20.78 -48.30 41.77
C ARG A 226 20.56 -47.28 40.66
N LYS A 227 19.96 -47.72 39.54
CA LYS A 227 19.64 -46.81 38.45
C LYS A 227 18.41 -45.97 38.74
N LEU A 228 17.65 -46.29 39.79
CA LEU A 228 16.45 -45.56 40.17
C LEU A 228 16.73 -44.42 41.15
N LYS A 229 17.60 -44.65 42.13
CA LYS A 229 17.98 -43.60 43.05
C LYS A 229 18.92 -42.57 42.41
N SER A 230 19.51 -42.91 41.27
CA SER A 230 20.31 -41.97 40.51
C SER A 230 19.48 -41.13 39.55
N ARG A 231 18.16 -41.29 39.57
CA ARG A 231 17.24 -40.53 38.74
C ARG A 231 16.88 -39.18 39.33
N VAL A 232 17.46 -38.82 40.48
CA VAL A 232 17.16 -37.53 41.11
C VAL A 232 17.66 -36.41 40.21
N PRO A 233 16.88 -35.34 40.00
CA PRO A 233 15.53 -35.11 40.50
C PRO A 233 14.46 -35.94 39.80
N PHE A 234 13.52 -36.46 40.57
CA PHE A 234 12.49 -37.33 40.03
C PHE A 234 11.55 -36.56 39.11
N ALA A 235 11.05 -37.25 38.09
CA ALA A 235 10.10 -36.70 37.15
C ALA A 235 8.81 -37.51 37.26
N VAL A 236 7.76 -36.89 37.81
CA VAL A 236 6.58 -37.62 38.23
C VAL A 236 5.39 -37.24 37.36
N VAL A 237 4.49 -38.21 37.18
CA VAL A 237 3.23 -38.02 36.48
C VAL A 237 2.12 -38.60 37.37
N GLY A 238 1.07 -37.84 37.59
CA GLY A 238 -0.02 -38.26 38.45
C GLY A 238 -1.35 -38.30 37.71
N SER A 239 -2.17 -39.29 38.05
CA SER A 239 -3.51 -39.40 37.51
C SER A 239 -4.40 -40.14 38.50
N ASN A 240 -5.70 -39.90 38.39
CA ASN A 240 -6.68 -40.50 39.27
C ASN A 240 -7.76 -41.29 38.53
N THR A 241 -7.76 -41.26 37.20
CA THR A 241 -8.78 -41.91 36.41
C THR A 241 -8.29 -43.29 35.96
N VAL A 242 -9.14 -44.30 36.13
CA VAL A 242 -8.81 -45.67 35.75
C VAL A 242 -9.35 -45.90 34.34
N LEU A 243 -8.44 -46.24 33.42
CA LEU A 243 -8.77 -46.50 32.03
C LEU A 243 -8.64 -47.99 31.74
N GLU A 244 -9.34 -48.42 30.70
CA GLU A 244 -9.39 -49.82 30.28
C GLU A 244 -8.54 -49.94 29.01
N ILE A 245 -7.29 -50.36 29.16
CA ILE A 245 -6.40 -50.59 28.03
C ILE A 245 -6.34 -52.10 27.81
N GLY A 246 -7.08 -52.58 26.82
CA GLY A 246 -7.09 -53.99 26.48
C GLY A 246 -7.51 -54.88 27.64
N GLY A 247 -8.55 -54.45 28.36
CA GLY A 247 -8.97 -55.17 29.55
C GLY A 247 -8.10 -54.93 30.77
N ARG A 248 -7.18 -53.98 30.70
CA ARG A 248 -6.27 -53.69 31.80
C ARG A 248 -6.72 -52.42 32.51
N ARG A 249 -6.92 -52.51 33.81
CA ARG A 249 -7.22 -51.36 34.65
C ARG A 249 -5.92 -50.62 34.93
N VAL A 250 -5.75 -49.43 34.35
CA VAL A 250 -4.52 -48.67 34.50
C VAL A 250 -4.84 -47.24 34.88
N ARG A 251 -4.08 -46.68 35.82
CA ARG A 251 -4.16 -45.25 36.07
C ARG A 251 -3.30 -44.52 35.05
N GLY A 252 -3.91 -43.57 34.35
CA GLY A 252 -3.16 -42.80 33.37
C GLY A 252 -4.00 -41.68 32.82
N ARG A 253 -3.34 -40.82 32.07
CA ARG A 253 -3.98 -39.69 31.41
C ARG A 253 -4.15 -39.99 29.93
N GLN A 254 -5.36 -39.77 29.42
CA GLN A 254 -5.69 -40.09 28.04
C GLN A 254 -5.64 -38.82 27.20
N TYR A 255 -4.74 -38.79 26.23
CA TYR A 255 -4.65 -37.77 25.22
C TYR A 255 -5.12 -38.33 23.88
N PRO A 256 -5.54 -37.47 22.95
CA PRO A 256 -5.89 -37.96 21.61
C PRO A 256 -4.78 -38.73 20.92
N TRP A 257 -3.55 -38.65 21.42
CA TRP A 257 -2.42 -39.35 20.84
C TRP A 257 -1.93 -40.54 21.66
N GLY A 258 -2.53 -40.81 22.81
CA GLY A 258 -2.15 -42.00 23.56
C GLY A 258 -2.38 -41.83 25.04
N VAL A 259 -2.02 -42.89 25.77
CA VAL A 259 -2.26 -42.99 27.21
C VAL A 259 -0.94 -42.92 27.94
N ALA A 260 -0.76 -41.88 28.75
CA ALA A 260 0.43 -41.72 29.57
C ALA A 260 0.17 -42.36 30.93
N GLU A 261 0.89 -43.45 31.22
CA GLU A 261 0.61 -44.28 32.39
C GLU A 261 1.49 -43.84 33.55
N VAL A 262 0.87 -43.74 34.74
CA VAL A 262 1.58 -43.26 35.91
C VAL A 262 2.59 -44.29 36.40
N GLU A 263 2.20 -45.56 36.43
CA GLU A 263 3.03 -46.60 37.01
C GLU A 263 4.08 -47.15 36.07
N ASN A 264 4.15 -46.67 34.83
CA ASN A 264 5.12 -47.15 33.86
C ASN A 264 6.50 -46.60 34.20
N ILE A 265 7.49 -47.49 34.21
CA ILE A 265 8.84 -47.08 34.61
C ILE A 265 9.52 -46.29 33.49
N ASP A 266 9.11 -46.51 32.24
CA ASP A 266 9.69 -45.78 31.13
C ASP A 266 9.03 -44.43 30.89
N HIS A 267 7.90 -44.16 31.54
CA HIS A 267 7.16 -42.91 31.33
C HIS A 267 7.50 -41.87 32.39
N CYS A 268 7.47 -42.25 33.66
CA CYS A 268 7.77 -41.32 34.74
C CYS A 268 8.32 -42.12 35.92
N ASP A 269 8.91 -41.38 36.87
CA ASP A 269 9.55 -41.96 38.04
C ASP A 269 8.59 -42.10 39.22
N PHE A 270 7.30 -42.28 38.96
CA PHE A 270 6.33 -42.35 40.05
C PHE A 270 6.56 -43.58 40.93
N THR A 271 6.86 -44.72 40.30
CA THR A 271 7.06 -45.94 41.09
C THR A 271 8.30 -45.84 41.97
N VAL A 272 9.37 -45.23 41.44
CA VAL A 272 10.57 -45.03 42.24
C VAL A 272 10.27 -44.20 43.48
N LEU A 273 9.57 -43.08 43.29
CA LEU A 273 9.26 -42.22 44.42
C LEU A 273 8.32 -42.91 45.40
N ARG A 274 7.32 -43.61 44.89
CA ARG A 274 6.39 -44.32 45.76
C ARG A 274 7.12 -45.35 46.62
N ASN A 275 8.01 -46.14 46.01
CA ASN A 275 8.76 -47.13 46.77
C ASN A 275 9.66 -46.47 47.80
N MET A 276 10.47 -45.48 47.37
CA MET A 276 11.43 -44.86 48.28
C MET A 276 10.74 -44.17 49.45
N LEU A 277 9.65 -43.45 49.19
CA LEU A 277 9.04 -42.62 50.21
C LEU A 277 8.05 -43.42 51.06
N VAL A 278 7.10 -44.10 50.41
CA VAL A 278 5.98 -44.68 51.12
C VAL A 278 6.42 -45.88 51.96
N ARG A 279 7.21 -46.78 51.38
CA ARG A 279 7.42 -48.06 52.06
C ARG A 279 8.84 -48.61 51.99
N THR A 280 9.86 -47.78 51.76
CA THR A 280 11.21 -48.32 51.80
C THR A 280 12.15 -47.48 52.66
N HIS A 281 11.93 -46.16 52.70
CA HIS A 281 12.86 -45.27 53.39
C HIS A 281 12.13 -44.17 54.14
N MET A 282 10.94 -44.44 54.65
CA MET A 282 10.18 -43.45 55.39
C MET A 282 10.74 -43.20 56.78
N GLN A 283 11.59 -44.08 57.28
CA GLN A 283 12.18 -43.93 58.61
C GLN A 283 13.53 -43.22 58.59
N ASP A 284 14.30 -43.37 57.51
CA ASP A 284 15.56 -42.64 57.40
C ASP A 284 15.31 -41.14 57.32
N LEU A 285 14.20 -40.73 56.71
CA LEU A 285 13.85 -39.32 56.68
C LEU A 285 13.67 -38.78 58.09
N LYS A 286 12.93 -39.51 58.92
CA LYS A 286 12.74 -39.13 60.30
C LYS A 286 14.07 -39.11 61.05
N ASP A 287 14.93 -40.10 60.78
CA ASP A 287 16.20 -40.18 61.48
C ASP A 287 17.11 -39.00 61.14
N VAL A 288 17.21 -38.64 59.86
CA VAL A 288 18.03 -37.49 59.48
C VAL A 288 17.42 -36.20 59.98
N THR A 289 16.09 -36.10 60.02
CA THR A 289 15.46 -34.92 60.58
C THR A 289 15.81 -34.76 62.05
N ASN A 290 15.80 -35.87 62.80
CA ASN A 290 16.07 -35.80 64.23
C ASN A 290 17.55 -35.54 64.51
N ASN A 291 18.43 -36.21 63.77
CA ASN A 291 19.85 -36.23 64.10
C ASN A 291 20.67 -35.15 63.39
N VAL A 292 20.11 -34.48 62.38
CA VAL A 292 20.89 -33.50 61.64
C VAL A 292 20.25 -32.13 61.72
N HIS A 293 19.03 -32.01 61.18
CA HIS A 293 18.38 -30.70 61.14
C HIS A 293 17.96 -30.24 62.52
N TYR A 294 17.33 -31.12 63.30
CA TYR A 294 16.91 -30.74 64.63
C TYR A 294 18.09 -30.54 65.56
N GLU A 295 19.13 -31.37 65.40
CA GLU A 295 20.33 -31.22 66.23
C GLU A 295 21.01 -29.88 65.96
N ASN A 296 21.12 -29.51 64.68
CA ASN A 296 21.73 -28.21 64.35
C ASN A 296 20.90 -27.06 64.91
N TYR A 297 19.57 -27.16 64.79
CA TYR A 297 18.71 -26.09 65.27
C TYR A 297 18.89 -25.89 66.78
N ARG A 298 18.99 -26.98 67.53
CA ARG A 298 19.31 -26.88 68.94
C ARG A 298 20.74 -26.40 69.16
N SER A 299 21.63 -26.65 68.22
CA SER A 299 23.03 -26.30 68.38
C SER A 299 23.27 -24.79 68.34
N LYS A 300 22.30 -24.00 67.87
CA LYS A 300 22.40 -22.55 67.95
C LYS A 300 21.52 -21.95 69.03
N LYS A 301 20.25 -22.36 69.11
CA LYS A 301 19.33 -21.72 70.06
C LYS A 301 19.79 -21.93 71.50
N LEU A 302 20.22 -23.15 71.84
CA LEU A 302 20.79 -23.37 73.16
C LEU A 302 22.12 -22.64 73.30
N SER A 303 22.94 -22.64 72.25
CA SER A 303 24.23 -21.95 72.32
C SER A 303 24.06 -20.46 72.43
N SER A 304 23.12 -19.89 71.68
CA SER A 304 22.89 -18.45 71.72
C SER A 304 22.14 -18.04 72.99
N THR B 2 -22.56 4.86 -10.36
CA THR B 2 -21.44 4.48 -11.21
C THR B 2 -21.72 4.80 -12.67
N THR B 3 -20.67 5.13 -13.41
CA THR B 3 -20.83 5.44 -14.82
C THR B 3 -20.58 4.20 -15.66
N PRO B 4 -21.56 3.78 -16.47
CA PRO B 4 -21.41 2.55 -17.24
C PRO B 4 -20.31 2.66 -18.29
N LEU B 5 -19.67 1.53 -18.57
CA LEU B 5 -18.59 1.47 -19.55
C LEU B 5 -19.09 0.85 -20.85
N GLU B 6 -18.55 1.35 -21.96
CA GLU B 6 -18.90 0.88 -23.29
C GLU B 6 -17.79 0.06 -23.93
N GLY B 7 -16.86 -0.44 -23.14
CA GLY B 7 -15.75 -1.20 -23.67
C GLY B 7 -14.79 -1.59 -22.56
N TYR B 8 -13.61 -2.03 -22.98
CA TYR B 8 -12.57 -2.43 -22.05
C TYR B 8 -11.57 -1.30 -21.88
N VAL B 9 -11.33 -0.90 -20.65
CA VAL B 9 -10.45 0.22 -20.34
C VAL B 9 -9.09 -0.24 -19.83
N GLY B 10 -9.08 -1.07 -18.79
CA GLY B 10 -7.83 -1.62 -18.30
C GLY B 10 -7.50 -1.32 -16.86
N ILE B 11 -8.50 -0.88 -16.08
CA ILE B 11 -8.29 -0.67 -14.66
C ILE B 11 -8.02 -1.99 -13.95
N ASP B 12 -8.52 -3.10 -14.50
CA ASP B 12 -8.31 -4.40 -13.85
C ASP B 12 -6.83 -4.76 -13.77
N THR B 13 -6.01 -4.23 -14.67
CA THR B 13 -4.58 -4.50 -14.61
C THR B 13 -3.93 -3.83 -13.41
N LEU B 14 -4.62 -2.89 -12.77
CA LEU B 14 -3.98 -2.03 -11.78
C LEU B 14 -3.37 -2.84 -10.65
N THR B 15 -4.11 -3.85 -10.15
CA THR B 15 -3.59 -4.69 -9.09
C THR B 15 -2.21 -5.22 -9.43
N GLU B 16 -2.05 -5.75 -10.65
CA GLU B 16 -0.76 -6.30 -11.05
C GLU B 16 0.34 -5.26 -10.90
N GLN B 17 0.07 -4.02 -11.32
CA GLN B 17 1.06 -2.96 -11.17
C GLN B 17 1.53 -2.85 -9.72
N ILE B 18 0.58 -2.76 -8.77
CA ILE B 18 0.98 -2.71 -7.36
C ILE B 18 1.85 -3.91 -7.03
N ARG B 19 1.41 -5.09 -7.45
CA ARG B 19 2.16 -6.31 -7.17
C ARG B 19 3.60 -6.14 -7.62
N LYS B 20 3.80 -5.64 -8.83
CA LYS B 20 5.16 -5.52 -9.36
C LYS B 20 6.01 -4.63 -8.47
N LYS B 21 5.45 -3.50 -8.03
CA LYS B 21 6.21 -2.61 -7.17
C LYS B 21 6.67 -3.34 -5.91
N ALA B 22 5.77 -4.14 -5.32
CA ALA B 22 6.12 -4.84 -4.10
C ALA B 22 7.36 -5.71 -4.30
N LEU B 23 7.50 -6.30 -5.48
CA LEU B 23 8.60 -7.22 -5.72
C LEU B 23 9.95 -6.55 -5.52
N ARG B 24 10.03 -5.23 -5.66
CA ARG B 24 11.31 -4.55 -5.54
C ARG B 24 11.60 -4.05 -4.14
N GLN B 25 10.62 -4.11 -3.23
CA GLN B 25 10.81 -3.58 -1.89
C GLN B 25 10.77 -4.67 -0.82
N GLY B 26 9.71 -5.44 -0.77
CA GLY B 26 9.56 -6.42 0.29
C GLY B 26 8.77 -5.88 1.46
N PHE B 27 7.99 -6.76 2.06
CA PHE B 27 7.11 -6.40 3.17
C PHE B 27 7.83 -6.61 4.50
N GLU B 28 7.57 -5.70 5.43
CA GLU B 28 8.23 -5.70 6.73
C GLU B 28 7.24 -6.23 7.76
N PHE B 29 7.67 -7.21 8.55
CA PHE B 29 6.82 -7.79 9.58
C PHE B 29 7.63 -7.93 10.87
N ASN B 30 7.04 -7.45 11.96
CA ASN B 30 7.70 -7.42 13.26
C ASN B 30 6.84 -8.18 14.26
N VAL B 31 7.40 -9.28 14.76
CA VAL B 31 6.76 -10.16 15.72
C VAL B 31 7.48 -10.01 17.04
N MET B 32 6.73 -10.02 18.13
CA MET B 32 7.31 -9.98 19.46
C MET B 32 6.65 -11.07 20.30
N VAL B 33 7.47 -11.97 20.84
CA VAL B 33 6.99 -13.05 21.68
C VAL B 33 7.20 -12.66 23.13
N VAL B 34 6.16 -12.81 23.94
CA VAL B 34 6.22 -12.41 25.35
C VAL B 34 5.70 -13.55 26.20
N GLY B 35 6.50 -13.96 27.17
CA GLY B 35 6.12 -15.00 28.10
C GLY B 35 7.31 -15.42 28.92
N SER B 36 7.03 -16.24 29.93
CA SER B 36 8.09 -16.74 30.79
C SER B 36 9.03 -17.65 30.02
N ALA B 37 10.27 -17.72 30.49
CA ALA B 37 11.27 -18.56 29.85
C ALA B 37 10.92 -20.03 29.99
N GLY B 38 11.07 -20.77 28.90
CA GLY B 38 10.76 -22.18 28.90
C GLY B 38 9.35 -22.53 28.51
N LEU B 39 8.68 -21.71 27.71
CA LEU B 39 7.31 -21.97 27.28
C LEU B 39 7.22 -22.30 25.80
N GLY B 40 8.34 -22.32 25.08
CA GLY B 40 8.30 -22.64 23.66
C GLY B 40 8.20 -21.46 22.73
N LYS B 41 8.68 -20.29 23.13
CA LYS B 41 8.58 -19.11 22.28
C LYS B 41 9.49 -19.23 21.06
N SER B 42 10.76 -19.58 21.29
CA SER B 42 11.69 -19.74 20.18
C SER B 42 11.26 -20.87 19.26
N THR B 43 10.85 -22.00 19.83
CA THR B 43 10.39 -23.13 19.03
C THR B 43 9.15 -22.76 18.22
N LEU B 44 8.24 -21.98 18.80
CA LEU B 44 7.04 -21.61 18.07
C LEU B 44 7.36 -20.63 16.94
N VAL B 45 8.29 -19.72 17.18
CA VAL B 45 8.70 -18.82 16.09
C VAL B 45 9.33 -19.62 14.96
N ASN B 46 10.15 -20.61 15.30
CA ASN B 46 10.75 -21.44 14.26
C ASN B 46 9.73 -22.32 13.56
N THR B 47 8.66 -22.72 14.25
CA THR B 47 7.63 -23.55 13.65
C THR B 47 6.72 -22.76 12.74
N ILE B 48 6.42 -21.50 13.10
CA ILE B 48 5.53 -20.68 12.26
C ILE B 48 6.19 -20.39 10.93
N PHE B 49 7.45 -19.97 10.95
CA PHE B 49 8.16 -19.60 9.75
C PHE B 49 8.97 -20.75 9.15
N LYS B 50 8.99 -21.91 9.80
CA LYS B 50 9.65 -23.11 9.29
C LYS B 50 11.12 -22.83 8.95
N SER B 51 11.78 -22.07 9.81
CA SER B 51 13.19 -21.74 9.65
C SER B 51 13.76 -21.36 10.99
N LYS B 52 15.09 -21.39 11.07
CA LYS B 52 15.79 -21.08 12.33
C LYS B 52 15.91 -19.56 12.44
N VAL B 53 14.79 -18.93 12.82
CA VAL B 53 14.72 -17.47 12.87
C VAL B 53 14.73 -16.91 14.28
N SER B 54 14.74 -17.76 15.31
CA SER B 54 14.84 -17.27 16.67
C SER B 54 16.25 -16.83 17.00
N ARG B 55 16.37 -15.89 17.94
CA ARG B 55 17.67 -15.39 18.35
C ARG B 55 18.49 -16.49 19.02
N ARG B 56 17.85 -17.27 19.88
CA ARG B 56 18.50 -18.38 20.57
C ARG B 56 17.84 -19.68 20.13
N GLN B 57 18.62 -20.60 19.64
CA GLN B 57 18.04 -21.88 19.26
C GLN B 57 17.71 -22.67 20.52
N PRO B 58 16.67 -23.51 20.45
CA PRO B 58 16.24 -24.23 21.65
C PRO B 58 17.32 -25.11 22.27
N GLU B 59 18.32 -25.51 21.50
CA GLU B 59 19.37 -26.37 22.04
C GLU B 59 20.29 -25.61 22.99
N GLU B 60 20.63 -24.37 22.65
CA GLU B 60 21.66 -23.65 23.39
C GLU B 60 21.24 -23.36 24.82
N ASP B 61 22.24 -23.22 25.69
CA ASP B 61 22.00 -22.97 27.10
C ASP B 61 21.40 -21.59 27.32
N TYR B 62 20.52 -21.50 28.31
CA TYR B 62 19.84 -20.26 28.65
C TYR B 62 20.03 -19.96 30.13
N HIS B 63 20.44 -18.74 30.44
CA HIS B 63 20.59 -18.28 31.81
C HIS B 63 19.70 -17.07 32.02
N THR B 64 18.98 -17.05 33.12
CA THR B 64 18.09 -15.93 33.40
C THR B 64 18.92 -14.71 33.77
N PRO B 65 18.82 -13.61 33.03
CA PRO B 65 19.56 -12.40 33.40
C PRO B 65 18.97 -11.75 34.63
N SER B 66 19.81 -10.95 35.30
CA SER B 66 19.37 -10.26 36.50
C SER B 66 18.26 -9.26 36.22
N THR B 67 18.23 -8.70 35.02
CA THR B 67 17.24 -7.71 34.64
C THR B 67 16.45 -8.20 33.43
N VAL B 68 15.31 -7.57 33.19
CA VAL B 68 14.47 -7.89 32.04
C VAL B 68 15.03 -7.16 30.83
N GLU B 69 15.52 -7.94 29.86
CA GLU B 69 16.07 -7.40 28.62
C GLU B 69 15.10 -7.63 27.48
N ILE B 70 15.26 -6.85 26.42
CA ILE B 70 14.48 -6.97 25.21
C ILE B 70 15.45 -7.12 24.05
N LYS B 71 15.44 -8.28 23.41
CA LYS B 71 16.41 -8.62 22.38
C LYS B 71 15.70 -8.76 21.04
N THR B 72 16.36 -8.32 19.98
CA THR B 72 15.77 -8.36 18.65
C THR B 72 16.71 -9.07 17.68
N ILE B 73 16.11 -9.73 16.68
CA ILE B 73 16.86 -10.36 15.61
C ILE B 73 16.13 -10.08 14.30
N SER B 74 16.90 -9.91 13.23
CA SER B 74 16.37 -9.57 11.92
C SER B 74 16.73 -10.63 10.90
N HIS B 75 15.80 -10.88 9.97
CA HIS B 75 15.97 -11.91 8.94
C HIS B 75 15.27 -11.47 7.67
N VAL B 76 15.65 -12.11 6.57
CA VAL B 76 14.95 -11.96 5.29
C VAL B 76 14.49 -13.35 4.84
N ILE B 77 13.19 -13.48 4.58
CA ILE B 77 12.59 -14.75 4.21
C ILE B 77 11.92 -14.58 2.85
N GLU B 78 12.24 -15.47 1.93
CA GLU B 78 11.76 -15.37 0.54
C GLU B 78 10.84 -16.53 0.22
N GLU B 79 9.70 -16.23 -0.39
CA GLU B 79 8.80 -17.27 -0.86
C GLU B 79 8.05 -16.79 -2.10
N LYS B 80 8.27 -17.48 -3.22
CA LYS B 80 7.60 -17.20 -4.48
C LYS B 80 7.68 -15.73 -4.87
N GLY B 81 8.88 -15.17 -4.72
CA GLY B 81 9.14 -13.80 -5.10
C GLY B 81 8.78 -12.77 -4.05
N ILE B 82 8.12 -13.17 -2.96
CA ILE B 82 7.75 -12.24 -1.90
C ILE B 82 8.81 -12.29 -0.82
N LEU B 83 9.40 -11.13 -0.53
CA LEU B 83 10.41 -10.98 0.50
C LEU B 83 9.76 -10.42 1.76
N LEU B 84 10.09 -11.02 2.90
CA LEU B 84 9.62 -10.57 4.20
C LEU B 84 10.82 -10.25 5.05
N LYS B 85 10.98 -8.97 5.37
CA LYS B 85 11.97 -8.51 6.34
C LYS B 85 11.35 -8.67 7.72
N LEU B 86 11.79 -9.70 8.44
CA LEU B 86 11.13 -10.12 9.67
C LEU B 86 12.00 -9.81 10.87
N SER B 87 11.45 -9.09 11.83
CA SER B 87 12.15 -8.78 13.07
C SER B 87 11.43 -9.49 14.21
N VAL B 88 12.08 -10.46 14.81
CA VAL B 88 11.54 -11.19 15.94
C VAL B 88 12.19 -10.66 17.21
N THR B 89 11.36 -10.22 18.16
CA THR B 89 11.81 -9.62 19.40
C THR B 89 11.31 -10.46 20.57
N ASP B 90 12.24 -10.86 21.44
CA ASP B 90 11.93 -11.69 22.58
C ASP B 90 12.33 -10.97 23.87
N THR B 91 11.83 -11.51 24.98
CA THR B 91 11.91 -10.88 26.30
C THR B 91 12.62 -11.83 27.27
N PRO B 92 13.95 -11.88 27.24
CA PRO B 92 14.66 -12.74 28.19
C PRO B 92 14.61 -12.16 29.60
N GLY B 93 14.08 -12.94 30.53
CA GLY B 93 13.96 -12.53 31.90
C GLY B 93 12.58 -12.07 32.33
N PHE B 94 11.58 -12.18 31.46
CA PHE B 94 10.23 -11.76 31.80
C PHE B 94 9.56 -12.81 32.67
N GLY B 95 9.08 -12.42 33.85
CA GLY B 95 8.33 -13.31 34.68
C GLY B 95 9.13 -14.40 35.37
N ASP B 96 10.45 -14.28 35.42
CA ASP B 96 11.30 -15.30 36.00
C ASP B 96 11.97 -14.88 37.30
N GLN B 97 12.15 -13.57 37.52
CA GLN B 97 12.79 -13.10 38.74
C GLN B 97 11.88 -13.31 39.95
N VAL B 98 12.48 -13.16 41.12
CA VAL B 98 11.71 -13.21 42.35
C VAL B 98 10.75 -12.03 42.43
N ASP B 99 11.20 -10.85 41.99
CA ASP B 99 10.39 -9.64 41.97
C ASP B 99 10.10 -9.28 40.52
N ASN B 100 8.86 -9.47 40.10
CA ASN B 100 8.45 -9.24 38.72
C ASN B 100 7.78 -7.89 38.51
N THR B 101 7.84 -6.99 39.50
CA THR B 101 7.27 -5.67 39.30
C THR B 101 8.04 -4.93 38.22
N ASN B 102 7.29 -4.17 37.41
CA ASN B 102 7.85 -3.45 36.27
C ASN B 102 8.47 -4.38 35.24
N CYS B 103 7.96 -5.61 35.15
CA CYS B 103 8.43 -6.53 34.11
C CYS B 103 7.84 -6.18 32.76
N TRP B 104 6.68 -5.53 32.72
CA TRP B 104 6.07 -5.10 31.47
C TRP B 104 6.59 -3.75 31.00
N GLN B 105 7.39 -3.07 31.81
CA GLN B 105 7.91 -1.76 31.42
C GLN B 105 8.83 -1.82 30.21
N PRO B 106 9.83 -2.70 30.14
CA PRO B 106 10.68 -2.74 28.93
C PRO B 106 9.91 -3.07 27.66
N ILE B 107 8.88 -3.90 27.73
CA ILE B 107 8.09 -4.23 26.55
C ILE B 107 7.42 -3.00 25.97
N MET B 108 6.70 -2.27 26.83
CA MET B 108 6.01 -1.07 26.38
C MET B 108 7.00 0.01 25.97
N ARG B 109 8.14 0.08 26.64
CA ARG B 109 9.18 1.01 26.22
C ARG B 109 9.67 0.70 24.82
N HIS B 110 9.85 -0.59 24.51
CA HIS B 110 10.27 -0.98 23.17
C HIS B 110 9.25 -0.57 22.12
N VAL B 111 7.97 -0.90 22.36
CA VAL B 111 6.93 -0.55 21.38
C VAL B 111 6.86 0.95 21.17
N ASN B 112 6.86 1.72 22.27
CA ASN B 112 6.75 3.16 22.16
C ASN B 112 7.99 3.76 21.52
N GLU B 113 9.16 3.15 21.72
CA GLU B 113 10.37 3.68 21.09
C GLU B 113 10.35 3.46 19.59
N GLN B 114 9.79 2.33 19.15
CA GLN B 114 9.63 2.13 17.70
C GLN B 114 8.64 3.15 17.12
N TYR B 115 7.53 3.38 17.82
CA TYR B 115 6.61 4.42 17.38
C TYR B 115 7.30 5.79 17.32
N GLU B 116 8.15 6.07 18.30
CA GLU B 116 8.86 7.34 18.35
C GLU B 116 9.82 7.48 17.18
N LYS B 117 10.54 6.41 16.84
CA LYS B 117 11.41 6.44 15.67
C LYS B 117 10.61 6.79 14.43
N TYR B 118 9.47 6.12 14.23
CA TYR B 118 8.68 6.38 13.04
C TYR B 118 8.19 7.82 13.00
N LEU B 119 7.71 8.33 14.13
CA LEU B 119 7.15 9.69 14.14
C LEU B 119 8.24 10.74 13.96
N ASN B 120 9.43 10.51 14.52
CA ASN B 120 10.54 11.44 14.31
C ASN B 120 11.00 11.44 12.86
N GLU B 121 11.02 10.28 12.23
CA GLU B 121 11.35 10.24 10.81
C GLU B 121 10.27 10.92 9.98
N GLU B 122 9.02 10.86 10.45
CA GLU B 122 7.92 11.46 9.70
C GLU B 122 7.93 12.98 9.81
N ILE B 123 8.19 13.53 11.00
CA ILE B 123 8.05 14.96 11.22
C ILE B 123 9.22 15.74 10.61
N SER B 124 10.35 15.09 10.40
CA SER B 124 11.55 15.80 9.98
C SER B 124 11.38 16.43 8.61
N ILE B 125 12.02 17.58 8.41
CA ILE B 125 11.97 18.27 7.12
C ILE B 125 12.67 17.42 6.05
N LYS B 126 13.87 16.95 6.35
CA LYS B 126 14.64 16.12 5.43
C LYS B 126 14.23 14.65 5.59
N ARG B 127 13.04 14.36 5.09
CA ARG B 127 12.42 13.05 5.25
C ARG B 127 12.80 12.13 4.12
N ARG B 128 12.91 10.83 4.43
CA ARG B 128 13.15 9.84 3.40
C ARG B 128 11.91 9.66 2.53
N LYS B 129 12.12 9.08 1.35
CA LYS B 129 11.00 8.74 0.49
C LYS B 129 10.11 7.69 1.13
N ARG B 130 10.72 6.67 1.76
CA ARG B 130 10.00 5.58 2.37
C ARG B 130 10.54 5.36 3.78
N ILE B 131 9.68 5.47 4.77
CA ILE B 131 10.09 5.40 6.17
C ILE B 131 10.21 3.94 6.57
N PRO B 132 11.35 3.49 7.09
CA PRO B 132 11.45 2.12 7.60
C PRO B 132 10.50 1.90 8.76
N ASP B 133 9.91 0.71 8.80
CA ASP B 133 8.88 0.38 9.77
C ASP B 133 9.45 -0.63 10.76
N THR B 134 9.76 -0.15 11.96
CA THR B 134 10.24 -1.00 13.04
C THR B 134 9.13 -1.27 14.06
N ARG B 135 7.92 -0.80 13.79
CA ARG B 135 6.82 -0.96 14.73
C ARG B 135 6.43 -2.44 14.88
N VAL B 136 6.11 -2.83 16.11
CA VAL B 136 5.77 -4.21 16.41
C VAL B 136 4.36 -4.48 15.89
N HIS B 137 4.25 -5.38 14.91
CA HIS B 137 2.97 -5.64 14.26
C HIS B 137 2.19 -6.72 14.97
N CYS B 138 2.86 -7.74 15.48
CA CYS B 138 2.18 -8.79 16.24
C CYS B 138 2.91 -9.03 17.55
N CYS B 139 2.14 -9.35 18.59
CA CYS B 139 2.69 -9.77 19.87
C CYS B 139 1.97 -11.03 20.30
N ILE B 140 2.71 -12.12 20.41
CA ILE B 140 2.16 -13.41 20.82
C ILE B 140 2.48 -13.62 22.29
N TYR B 141 1.44 -13.75 23.10
CA TYR B 141 1.57 -13.93 24.53
C TYR B 141 1.41 -15.40 24.88
N PHE B 142 2.34 -15.93 25.65
CA PHE B 142 2.35 -17.35 25.99
C PHE B 142 1.80 -17.54 27.40
N ILE B 143 0.76 -18.35 27.51
CA ILE B 143 0.12 -18.66 28.78
C ILE B 143 0.57 -20.06 29.21
N PRO B 144 1.23 -20.20 30.35
CA PRO B 144 1.63 -21.54 30.80
C PRO B 144 0.42 -22.42 31.00
N PRO B 145 0.55 -23.71 30.68
CA PRO B 145 -0.59 -24.65 30.78
C PRO B 145 -0.87 -25.10 32.20
N SER B 146 -1.20 -24.14 33.06
CA SER B 146 -1.48 -24.46 34.45
C SER B 146 -2.74 -25.32 34.58
N GLY B 147 -3.74 -25.07 33.75
CA GLY B 147 -4.98 -25.79 33.80
C GLY B 147 -6.01 -25.22 34.76
N HIS B 148 -5.62 -24.23 35.58
CA HIS B 148 -6.52 -23.63 36.55
C HIS B 148 -7.04 -22.28 36.11
N SER B 149 -6.14 -21.32 35.89
CA SER B 149 -6.51 -19.95 35.58
C SER B 149 -5.25 -19.21 35.14
N LEU B 150 -5.42 -17.96 34.74
CA LEU B 150 -4.28 -17.14 34.35
C LEU B 150 -3.51 -16.70 35.58
N ARG B 151 -2.21 -16.51 35.41
CA ARG B 151 -1.40 -15.95 36.47
C ARG B 151 -1.65 -14.46 36.59
N LEU B 152 -1.27 -13.90 37.74
CA LEU B 152 -1.46 -12.47 37.96
C LEU B 152 -0.58 -11.64 37.03
N VAL B 153 0.66 -12.08 36.83
CA VAL B 153 1.57 -11.36 35.95
C VAL B 153 1.03 -11.34 34.53
N ASP B 154 0.43 -12.46 34.09
CA ASP B 154 -0.13 -12.52 32.75
C ASP B 154 -1.28 -11.53 32.58
N ILE B 155 -2.18 -11.46 33.57
CA ILE B 155 -3.28 -10.50 33.50
C ILE B 155 -2.75 -9.08 33.44
N GLU B 156 -1.80 -8.75 34.32
CA GLU B 156 -1.25 -7.40 34.33
C GLU B 156 -0.65 -7.03 32.97
N VAL B 157 0.22 -7.90 32.44
CA VAL B 157 0.94 -7.57 31.23
C VAL B 157 -0.01 -7.51 30.04
N MET B 158 -0.99 -8.42 29.98
CA MET B 158 -1.94 -8.39 28.87
C MET B 158 -2.78 -7.12 28.91
N LYS B 159 -3.22 -6.71 30.11
CA LYS B 159 -3.98 -5.46 30.21
C LYS B 159 -3.15 -4.27 29.76
N ARG B 160 -1.88 -4.22 30.16
CA ARG B 160 -1.04 -3.11 29.71
C ARG B 160 -0.79 -3.16 28.21
N LEU B 161 -0.69 -4.35 27.63
CA LEU B 161 -0.22 -4.50 26.26
C LEU B 161 -1.33 -4.44 25.21
N VAL B 162 -2.58 -4.73 25.57
CA VAL B 162 -3.65 -4.75 24.59
C VAL B 162 -3.94 -3.34 24.11
N GLU B 163 -3.28 -2.35 24.69
CA GLU B 163 -3.54 -0.96 24.39
C GLU B 163 -2.58 -0.34 23.39
N ILE B 164 -1.42 -0.95 23.16
CA ILE B 164 -0.41 -0.34 22.31
C ILE B 164 0.08 -1.29 21.23
N VAL B 165 -0.37 -2.55 21.26
CA VAL B 165 0.08 -3.55 20.30
C VAL B 165 -0.94 -4.66 20.23
N ASN B 166 -1.01 -5.31 19.07
CA ASN B 166 -1.89 -6.47 18.90
C ASN B 166 -1.37 -7.65 19.70
N VAL B 167 -2.26 -8.29 20.45
CA VAL B 167 -1.91 -9.40 21.33
C VAL B 167 -2.78 -10.58 20.98
N ILE B 168 -2.14 -11.73 20.75
CA ILE B 168 -2.83 -12.97 20.39
C ILE B 168 -2.47 -14.04 21.42
N PRO B 169 -3.38 -14.38 22.33
CA PRO B 169 -3.06 -15.35 23.37
C PRO B 169 -2.97 -16.76 22.82
N VAL B 170 -2.00 -17.51 23.34
CA VAL B 170 -1.82 -18.91 23.00
C VAL B 170 -1.45 -19.68 24.26
N ILE B 171 -2.06 -20.86 24.44
CA ILE B 171 -1.72 -21.74 25.55
C ILE B 171 -0.44 -22.47 25.17
N ALA B 172 0.67 -22.11 25.81
CA ALA B 172 1.95 -22.74 25.51
C ALA B 172 1.96 -24.19 25.98
N LYS B 173 2.62 -25.05 25.22
CA LYS B 173 2.76 -26.47 25.54
C LYS B 173 1.40 -27.11 25.81
N SER B 174 0.52 -27.02 24.80
CA SER B 174 -0.83 -27.55 24.93
C SER B 174 -0.87 -29.06 24.93
N ASP B 175 0.27 -29.68 24.69
CA ASP B 175 0.40 -31.15 24.63
C ASP B 175 0.16 -31.74 26.02
N SER B 176 0.19 -30.95 27.08
CA SER B 176 0.11 -31.42 28.46
C SER B 176 -1.32 -31.40 29.01
N LEU B 177 -2.32 -31.13 28.18
CA LEU B 177 -3.71 -31.03 28.61
C LEU B 177 -4.57 -31.98 27.80
N THR B 178 -5.40 -32.76 28.49
CA THR B 178 -6.40 -33.55 27.79
C THR B 178 -7.44 -32.65 27.15
N LEU B 179 -8.28 -33.24 26.31
CA LEU B 179 -9.28 -32.44 25.61
C LEU B 179 -10.27 -31.79 26.58
N GLU B 180 -10.74 -32.54 27.58
CA GLU B 180 -11.63 -31.95 28.57
C GLU B 180 -10.94 -30.86 29.35
N GLU B 181 -9.70 -31.09 29.77
CA GLU B 181 -8.95 -30.08 30.50
C GLU B 181 -8.71 -28.85 29.64
N ARG B 182 -8.39 -29.06 28.36
CA ARG B 182 -8.19 -27.93 27.46
C ARG B 182 -9.47 -27.12 27.29
N GLU B 183 -10.61 -27.80 27.16
CA GLU B 183 -11.88 -27.10 27.03
C GLU B 183 -12.19 -26.27 28.28
N ARG B 184 -12.01 -26.87 29.46
CA ARG B 184 -12.29 -26.17 30.70
C ARG B 184 -11.34 -24.99 30.90
N PHE B 185 -10.06 -25.19 30.57
CA PHE B 185 -9.09 -24.11 30.67
C PHE B 185 -9.43 -22.97 29.72
N LYS B 186 -9.83 -23.30 28.49
CA LYS B 186 -10.23 -22.27 27.53
C LYS B 186 -11.44 -21.49 28.05
N ALA B 187 -12.42 -22.19 28.60
CA ALA B 187 -13.59 -21.50 29.14
C ALA B 187 -13.19 -20.55 30.27
N THR B 188 -12.34 -21.01 31.18
CA THR B 188 -11.88 -20.15 32.26
C THR B 188 -11.12 -18.95 31.73
N ILE B 189 -10.24 -19.16 30.76
CA ILE B 189 -9.43 -18.06 30.22
C ILE B 189 -10.32 -17.03 29.55
N GLN B 190 -11.33 -17.49 28.79
CA GLN B 190 -12.22 -16.56 28.11
C GLN B 190 -13.07 -15.77 29.11
N GLN B 191 -13.58 -16.44 30.15
CA GLN B 191 -14.34 -15.72 31.16
C GLN B 191 -13.47 -14.70 31.88
N GLN B 192 -12.21 -15.04 32.15
CA GLN B 192 -11.30 -14.08 32.78
C GLN B 192 -11.01 -12.91 31.86
N LEU B 193 -10.84 -13.16 30.57
CA LEU B 193 -10.59 -12.08 29.63
C LEU B 193 -11.79 -11.14 29.56
N ILE B 194 -13.00 -11.68 29.60
CA ILE B 194 -14.19 -10.84 29.66
C ILE B 194 -14.23 -10.05 30.96
N GLU B 195 -13.92 -10.71 32.08
CA GLU B 195 -14.04 -10.06 33.38
C GLU B 195 -13.08 -8.89 33.53
N HIS B 196 -11.84 -9.06 33.09
CA HIS B 196 -10.86 -7.98 33.12
C HIS B 196 -10.93 -7.10 31.89
N ASN B 197 -11.85 -7.38 30.98
CA ASN B 197 -12.05 -6.59 29.76
C ASN B 197 -10.77 -6.50 28.94
N ILE B 198 -10.11 -7.65 28.78
CA ILE B 198 -8.92 -7.75 27.94
C ILE B 198 -9.40 -8.11 26.54
N ARG B 199 -9.43 -7.11 25.66
CA ARG B 199 -9.88 -7.29 24.28
C ARG B 199 -8.67 -7.56 23.40
N VAL B 200 -8.53 -8.80 22.95
CA VAL B 200 -7.37 -9.24 22.21
C VAL B 200 -7.70 -9.25 20.72
N TYR B 201 -6.66 -9.34 19.90
CA TYR B 201 -6.86 -9.41 18.46
C TYR B 201 -7.55 -10.73 18.10
N PRO B 202 -8.53 -10.70 17.18
CA PRO B 202 -9.00 -9.54 16.41
C PRO B 202 -10.13 -8.77 17.10
N ASP B 203 -9.93 -7.48 17.31
CA ASP B 203 -10.95 -6.64 17.92
C ASP B 203 -12.00 -6.29 16.87
N LEU B 204 -13.23 -6.74 17.10
CA LEU B 204 -14.30 -6.50 16.13
C LEU B 204 -14.68 -5.03 16.04
N GLU B 205 -14.30 -4.22 17.03
CA GLU B 205 -14.54 -2.79 16.95
C GLU B 205 -13.73 -2.15 15.83
N ASN B 206 -12.59 -2.75 15.48
CA ASN B 206 -11.71 -2.21 14.45
C ASN B 206 -12.10 -2.64 13.05
N LEU B 207 -13.17 -3.41 12.89
CA LEU B 207 -13.62 -3.89 11.60
C LEU B 207 -14.88 -3.12 11.17
N ASP B 208 -14.98 -2.86 9.87
CA ASP B 208 -16.07 -2.07 9.33
C ASP B 208 -17.41 -2.81 9.51
N VAL B 209 -18.47 -2.01 9.68
CA VAL B 209 -19.80 -2.58 9.87
C VAL B 209 -20.44 -2.98 8.55
N ASP B 210 -20.03 -2.36 7.45
CA ASP B 210 -20.60 -2.68 6.15
C ASP B 210 -20.19 -4.06 5.65
N ASP B 211 -19.19 -4.69 6.26
CA ASP B 211 -18.72 -6.00 5.84
C ASP B 211 -19.16 -7.03 6.87
N GLU B 212 -19.85 -8.07 6.42
CA GLU B 212 -20.41 -9.07 7.31
C GLU B 212 -19.66 -10.39 7.30
N THR B 213 -19.15 -10.82 6.14
CA THR B 213 -18.40 -12.06 6.08
C THR B 213 -17.12 -11.97 6.91
N GLU B 214 -16.40 -10.86 6.79
CA GLU B 214 -15.21 -10.65 7.62
C GLU B 214 -15.57 -10.63 9.10
N ARG B 215 -16.69 -10.00 9.43
CA ARG B 215 -17.11 -9.94 10.83
C ARG B 215 -17.39 -11.33 11.39
N GLN B 216 -18.11 -12.16 10.63
CA GLN B 216 -18.40 -13.51 11.10
C GLN B 216 -17.12 -14.35 11.21
N ARG B 217 -16.23 -14.22 10.22
CA ARG B 217 -15.00 -15.00 10.26
C ARG B 217 -14.14 -14.62 11.46
N ASN B 218 -14.00 -13.31 11.72
CA ASN B 218 -13.22 -12.88 12.86
C ASN B 218 -13.91 -13.21 14.18
N LEU B 219 -15.24 -13.27 14.17
CA LEU B 219 -15.96 -13.71 15.36
C LEU B 219 -15.64 -15.16 15.67
N LYS B 220 -15.59 -16.01 14.65
CA LYS B 220 -15.18 -17.39 14.86
C LYS B 220 -13.75 -17.48 15.39
N LEU B 221 -12.85 -16.68 14.82
CA LEU B 221 -11.46 -16.69 15.29
C LEU B 221 -11.37 -16.28 16.76
N LYS B 222 -12.11 -15.24 17.17
CA LYS B 222 -12.10 -14.84 18.57
C LYS B 222 -12.73 -15.90 19.45
N GLU B 223 -13.82 -16.52 19.00
CA GLU B 223 -14.45 -17.59 19.77
C GLU B 223 -13.52 -18.78 19.95
N ARG B 224 -12.54 -18.95 19.08
CA ARG B 224 -11.56 -20.01 19.26
C ARG B 224 -10.47 -19.67 20.27
N LEU B 225 -10.19 -18.39 20.48
CA LEU B 225 -9.08 -17.98 21.33
C LEU B 225 -9.36 -18.32 22.79
N PRO B 226 -8.32 -18.62 23.58
CA PRO B 226 -6.90 -18.72 23.23
C PRO B 226 -6.56 -19.99 22.47
N PHE B 227 -5.47 -19.97 21.70
CA PHE B 227 -5.13 -21.13 20.89
C PHE B 227 -4.27 -22.11 21.68
N ALA B 228 -4.60 -23.39 21.55
CA ALA B 228 -3.83 -24.46 22.17
C ALA B 228 -2.78 -24.90 21.16
N ILE B 229 -1.55 -24.47 21.37
CA ILE B 229 -0.50 -24.58 20.37
C ILE B 229 0.55 -25.59 20.81
N VAL B 230 1.19 -26.22 19.83
CA VAL B 230 2.36 -27.05 20.03
C VAL B 230 3.37 -26.69 18.95
N GLY B 231 4.59 -26.38 19.37
CA GLY B 231 5.66 -26.01 18.45
C GLY B 231 6.77 -27.04 18.49
N SER B 232 7.32 -27.34 17.32
CA SER B 232 8.39 -28.33 17.19
C SER B 232 9.01 -28.21 15.82
N SER B 233 10.33 -28.33 15.76
CA SER B 233 11.06 -28.29 14.50
C SER B 233 11.58 -29.66 14.09
N THR B 234 11.01 -30.73 14.64
CA THR B 234 11.42 -32.10 14.34
C THR B 234 10.25 -32.86 13.75
N THR B 235 10.50 -33.53 12.63
CA THR B 235 9.48 -34.32 11.94
C THR B 235 9.66 -35.80 12.25
N HIS B 236 8.53 -36.51 12.32
CA HIS B 236 8.51 -37.91 12.66
C HIS B 236 7.61 -38.65 11.70
N GLN B 237 7.93 -39.93 11.48
CA GLN B 237 7.16 -40.77 10.58
C GLN B 237 6.03 -41.41 11.37
N VAL B 238 4.80 -41.11 10.99
CA VAL B 238 3.61 -41.75 11.55
C VAL B 238 2.79 -42.30 10.41
N GLY B 239 2.28 -43.53 10.58
CA GLY B 239 1.64 -44.22 9.48
C GLY B 239 2.61 -44.37 8.32
N SER B 240 2.38 -43.60 7.26
CA SER B 240 3.29 -43.56 6.12
C SER B 240 3.60 -42.13 5.70
N LYS B 241 3.50 -41.16 6.61
CA LYS B 241 3.75 -39.77 6.30
C LYS B 241 4.63 -39.14 7.36
N ALA B 242 5.44 -38.18 6.93
CA ALA B 242 6.26 -37.38 7.83
C ALA B 242 5.47 -36.17 8.30
N VAL B 243 5.32 -36.03 9.62
CA VAL B 243 4.55 -34.95 10.22
C VAL B 243 5.40 -34.28 11.28
N LEU B 244 5.35 -32.95 11.33
CA LEU B 244 6.00 -32.23 12.41
C LEU B 244 5.30 -32.56 13.72
N GLY B 245 6.07 -32.81 14.77
CA GLY B 245 5.45 -33.17 16.02
C GLY B 245 6.45 -33.41 17.12
N ARG B 246 5.93 -33.92 18.22
CA ARG B 246 6.70 -34.25 19.42
C ARG B 246 6.52 -35.72 19.74
N LYS B 247 7.60 -36.40 20.10
CA LYS B 247 7.54 -37.83 20.35
C LYS B 247 7.70 -38.11 21.84
N ALA B 248 6.70 -38.76 22.43
CA ALA B 248 6.78 -39.26 23.79
C ALA B 248 6.43 -40.74 23.78
N GLY B 249 6.73 -41.41 24.90
CA GLY B 249 6.62 -42.86 24.94
C GLY B 249 5.25 -43.41 24.60
N TRP B 250 4.20 -42.60 24.69
CA TRP B 250 2.84 -43.05 24.43
C TRP B 250 2.30 -42.59 23.09
N GLY B 251 3.07 -41.85 22.30
CA GLY B 251 2.59 -41.44 20.99
C GLY B 251 3.39 -40.26 20.46
N VAL B 252 2.84 -39.64 19.42
CA VAL B 252 3.43 -38.46 18.81
C VAL B 252 2.34 -37.41 18.67
N ILE B 253 2.60 -36.23 19.23
CA ILE B 253 1.72 -35.08 19.07
C ILE B 253 1.98 -34.46 17.71
N GLU B 254 0.93 -34.28 16.92
CA GLU B 254 1.03 -33.78 15.56
C GLU B 254 0.72 -32.29 15.54
N VAL B 255 1.68 -31.49 15.07
CA VAL B 255 1.50 -30.04 15.03
C VAL B 255 0.49 -29.66 13.96
N GLU B 256 0.47 -30.36 12.84
CA GLU B 256 -0.37 -30.01 11.71
C GLU B 256 -1.71 -30.72 11.71
N ASN B 257 -2.03 -31.48 12.75
CA ASN B 257 -3.32 -32.15 12.86
C ASN B 257 -4.24 -31.32 13.74
N ASP B 258 -5.42 -31.01 13.22
CA ASP B 258 -6.38 -30.21 13.98
C ASP B 258 -6.90 -30.95 15.20
N ALA B 259 -6.99 -32.28 15.11
CA ALA B 259 -7.50 -33.08 16.20
C ALA B 259 -6.51 -33.27 17.34
N HIS B 260 -5.29 -32.74 17.19
CA HIS B 260 -4.27 -32.82 18.22
C HIS B 260 -3.94 -31.49 18.85
N CYS B 261 -3.87 -30.42 18.06
CA CYS B 261 -3.55 -29.10 18.58
C CYS B 261 -4.28 -28.05 17.75
N GLU B 262 -3.89 -26.80 17.90
CA GLU B 262 -4.49 -25.68 17.19
C GLU B 262 -3.42 -24.75 16.65
N PHE B 263 -2.29 -25.32 16.21
CA PHE B 263 -1.26 -24.51 15.58
C PHE B 263 -1.73 -24.01 14.21
N ASN B 264 -2.57 -24.79 13.55
CA ASN B 264 -3.05 -24.42 12.23
C ASN B 264 -3.76 -23.08 12.27
N HIS B 265 -4.66 -22.89 13.23
CA HIS B 265 -5.43 -21.65 13.29
C HIS B 265 -4.52 -20.46 13.56
N LEU B 266 -3.56 -20.61 14.47
CA LEU B 266 -2.67 -19.51 14.79
C LEU B 266 -1.83 -19.11 13.59
N ARG B 267 -1.25 -20.10 12.90
CA ARG B 267 -0.42 -19.80 11.74
C ARG B 267 -1.24 -19.26 10.57
N ASN B 268 -2.47 -19.75 10.38
CA ASN B 268 -3.33 -19.19 9.35
C ASN B 268 -3.66 -17.73 9.63
N MET B 269 -3.97 -17.40 10.88
CA MET B 269 -4.28 -16.01 11.20
C MET B 269 -3.07 -15.12 11.08
N ILE B 270 -1.91 -15.56 11.57
CA ILE B 270 -0.72 -14.71 11.53
C ILE B 270 -0.28 -14.46 10.10
N ILE B 271 -0.25 -15.50 9.26
CA ILE B 271 0.41 -15.44 7.97
C ILE B 271 -0.60 -15.32 6.83
N ARG B 272 -1.64 -16.17 6.84
CA ARG B 272 -2.44 -16.38 5.64
C ARG B 272 -3.75 -15.61 5.59
N THR B 273 -4.26 -15.11 6.71
CA THR B 273 -5.60 -14.54 6.67
C THR B 273 -5.63 -13.14 7.29
N ASN B 274 -4.73 -12.84 8.22
CA ASN B 274 -4.80 -11.57 8.94
C ASN B 274 -3.46 -10.87 9.09
N LEU B 275 -2.47 -11.15 8.24
CA LEU B 275 -1.19 -10.46 8.36
C LEU B 275 -1.35 -8.99 8.00
N GLN B 276 -1.95 -8.71 6.85
CA GLN B 276 -2.15 -7.33 6.42
C GLN B 276 -3.12 -6.61 7.33
N ASP B 277 -4.08 -7.33 7.91
CA ASP B 277 -4.97 -6.71 8.90
C ASP B 277 -4.21 -6.29 10.14
N LEU B 278 -3.26 -7.13 10.60
CA LEU B 278 -2.42 -6.75 11.72
C LEU B 278 -1.61 -5.51 11.39
N LYS B 279 -1.00 -5.46 10.20
CA LYS B 279 -0.23 -4.29 9.82
C LYS B 279 -1.11 -3.04 9.76
N GLU B 280 -2.31 -3.17 9.20
CA GLU B 280 -3.21 -2.02 9.07
C GLU B 280 -3.68 -1.53 10.43
N VAL B 281 -4.01 -2.44 11.35
CA VAL B 281 -4.42 -2.01 12.68
C VAL B 281 -3.26 -1.35 13.41
N THR B 282 -2.05 -1.86 13.23
CA THR B 282 -0.90 -1.23 13.86
C THR B 282 -0.67 0.17 13.31
N ALA B 283 -0.83 0.35 12.00
CA ALA B 283 -0.52 1.64 11.38
C ALA B 283 -1.70 2.60 11.35
N GLN B 284 -2.89 2.17 11.75
CA GLN B 284 -4.07 3.01 11.65
C GLN B 284 -4.89 3.10 12.93
N VAL B 285 -4.59 2.30 13.96
CA VAL B 285 -5.30 2.35 15.22
C VAL B 285 -4.35 2.62 16.38
N HIS B 286 -3.21 1.94 16.42
CA HIS B 286 -2.27 2.10 17.52
C HIS B 286 -1.28 3.24 17.30
N TYR B 287 -0.60 3.26 16.16
CA TYR B 287 0.33 4.35 15.88
C TYR B 287 -0.41 5.67 15.78
N GLU B 288 -1.63 5.66 15.23
CA GLU B 288 -2.39 6.88 15.12
C GLU B 288 -2.73 7.44 16.50
N LEU B 289 -3.11 6.56 17.44
CA LEU B 289 -3.43 7.03 18.78
C LEU B 289 -2.19 7.53 19.51
N TYR B 290 -1.05 6.83 19.34
CA TYR B 290 0.19 7.31 19.92
C TYR B 290 0.57 8.67 19.35
N ARG B 291 0.44 8.84 18.03
CA ARG B 291 0.77 10.10 17.39
C ARG B 291 -0.13 11.22 17.89
N HIS B 292 -1.43 10.93 18.01
CA HIS B 292 -2.36 11.92 18.54
C HIS B 292 -1.98 12.33 19.96
N ARG B 293 -1.72 11.36 20.82
CA ARG B 293 -1.39 11.67 22.21
C ARG B 293 -0.10 12.47 22.32
N ARG B 294 0.93 12.08 21.56
CA ARG B 294 2.20 12.78 21.67
C ARG B 294 2.13 14.18 21.07
N LEU B 295 1.41 14.35 19.97
CA LEU B 295 1.33 15.67 19.36
C LEU B 295 0.43 16.61 20.17
N GLU B 296 -0.55 16.06 20.87
CA GLU B 296 -1.42 16.86 21.73
C GLU B 296 -0.65 17.36 22.94
N THR B 297 0.59 16.91 23.10
CA THR B 297 1.48 17.37 24.16
C THR B 297 2.58 18.23 23.56
N LEU B 298 2.94 17.93 22.31
CA LEU B 298 3.92 18.69 21.56
C LEU B 298 3.29 19.74 20.65
N LYS B 299 2.12 20.27 21.03
CA LYS B 299 1.48 21.34 20.27
C LYS B 299 2.42 22.50 20.01
N LYS B 300 3.37 22.72 20.91
CA LYS B 300 4.29 23.85 20.79
C LYS B 300 5.73 23.43 21.09
N THR C 2 17.57 -14.95 1.99
CA THR C 2 18.81 -15.05 2.76
C THR C 2 18.71 -16.14 3.80
N THR C 3 17.51 -16.34 4.35
CA THR C 3 17.26 -17.38 5.33
C THR C 3 16.49 -18.52 4.69
N PRO C 4 17.09 -19.69 4.52
CA PRO C 4 16.40 -20.79 3.83
C PRO C 4 15.17 -21.26 4.60
N LEU C 5 14.14 -21.65 3.87
CA LEU C 5 12.94 -22.18 4.50
C LEU C 5 12.91 -23.70 4.39
N GLU C 6 11.90 -24.30 5.02
CA GLU C 6 11.78 -25.75 5.05
C GLU C 6 10.36 -26.22 4.79
N GLY C 7 9.51 -25.38 4.23
CA GLY C 7 8.13 -25.76 3.98
C GLY C 7 7.30 -24.56 3.57
N TYR C 8 5.99 -24.73 3.65
CA TYR C 8 5.03 -23.71 3.22
C TYR C 8 4.63 -22.88 4.44
N VAL C 9 5.28 -21.72 4.60
CA VAL C 9 4.87 -20.80 5.66
C VAL C 9 3.58 -20.07 5.25
N GLY C 10 3.46 -19.69 3.99
CA GLY C 10 2.29 -19.00 3.51
C GLY C 10 2.44 -17.51 3.25
N ILE C 11 3.66 -17.00 3.20
CA ILE C 11 3.86 -15.57 2.95
C ILE C 11 3.30 -15.16 1.60
N ASP C 12 3.33 -16.07 0.63
CA ASP C 12 2.87 -15.76 -0.72
C ASP C 12 1.41 -15.32 -0.75
N THR C 13 0.63 -15.67 0.27
CA THR C 13 -0.78 -15.28 0.30
C THR C 13 -0.93 -13.76 0.46
N LEU C 14 0.12 -13.08 0.90
CA LEU C 14 0.03 -11.67 1.25
C LEU C 14 -0.62 -10.84 0.15
N THR C 15 -0.17 -11.03 -1.09
CA THR C 15 -0.71 -10.27 -2.21
C THR C 15 -2.22 -10.38 -2.27
N GLU C 16 -2.74 -11.61 -2.21
CA GLU C 16 -4.19 -11.80 -2.21
C GLU C 16 -4.84 -11.02 -1.09
N GLN C 17 -4.27 -11.07 0.11
CA GLN C 17 -4.80 -10.30 1.23
C GLN C 17 -4.91 -8.84 0.86
N ILE C 18 -3.83 -8.28 0.31
CA ILE C 18 -3.83 -6.86 -0.08
C ILE C 18 -4.97 -6.60 -1.06
N ARG C 19 -5.18 -7.51 -2.02
CA ARG C 19 -6.26 -7.32 -2.97
C ARG C 19 -7.58 -7.20 -2.26
N LYS C 20 -7.86 -8.10 -1.31
CA LYS C 20 -9.14 -8.05 -0.62
C LYS C 20 -9.31 -6.78 0.18
N LYS C 21 -8.22 -6.10 0.51
CA LYS C 21 -8.32 -4.84 1.24
C LYS C 21 -8.44 -3.64 0.32
N ALA C 22 -8.02 -3.76 -0.93
CA ALA C 22 -8.28 -2.70 -1.88
C ALA C 22 -9.68 -2.81 -2.46
N LEU C 23 -10.18 -4.04 -2.58
CA LEU C 23 -11.46 -4.31 -3.23
C LEU C 23 -12.59 -3.51 -2.59
N ARG C 24 -12.54 -3.29 -1.29
CA ARG C 24 -13.59 -2.57 -0.60
C ARG C 24 -13.44 -1.06 -0.68
N GLN C 25 -12.22 -0.55 -0.86
CA GLN C 25 -11.99 0.88 -0.82
C GLN C 25 -11.83 1.51 -2.20
N GLY C 26 -11.33 0.76 -3.16
CA GLY C 26 -11.13 1.27 -4.49
C GLY C 26 -9.92 2.17 -4.60
N PHE C 27 -9.44 2.32 -5.83
CA PHE C 27 -8.30 3.18 -6.12
C PHE C 27 -8.81 4.52 -6.66
N GLU C 28 -7.93 5.51 -6.66
CA GLU C 28 -8.32 6.83 -7.10
C GLU C 28 -7.23 7.45 -7.97
N PHE C 29 -7.68 8.07 -9.06
CA PHE C 29 -6.79 8.61 -10.09
C PHE C 29 -7.26 10.00 -10.46
N ASN C 30 -6.30 10.89 -10.72
CA ASN C 30 -6.60 12.27 -11.09
C ASN C 30 -5.80 12.65 -12.33
N VAL C 31 -6.52 13.01 -13.39
CA VAL C 31 -5.94 13.43 -14.66
C VAL C 31 -6.32 14.87 -14.92
N MET C 32 -5.38 15.63 -15.47
CA MET C 32 -5.60 17.02 -15.84
C MET C 32 -5.22 17.19 -17.30
N VAL C 33 -6.15 17.68 -18.11
CA VAL C 33 -5.93 17.93 -19.52
C VAL C 33 -5.68 19.42 -19.70
N VAL C 34 -4.55 19.76 -20.33
CA VAL C 34 -4.13 21.14 -20.47
C VAL C 34 -3.89 21.42 -21.95
N GLY C 35 -4.66 22.35 -22.50
CA GLY C 35 -4.47 22.76 -23.89
C GLY C 35 -5.50 23.78 -24.28
N SER C 36 -5.34 24.31 -25.48
CA SER C 36 -6.28 25.28 -26.00
C SER C 36 -7.58 24.59 -26.38
N ALA C 37 -8.60 25.39 -26.67
CA ALA C 37 -9.91 24.86 -27.01
C ALA C 37 -9.89 24.23 -28.39
N GLY C 38 -10.78 23.27 -28.58
CA GLY C 38 -10.88 22.57 -29.85
C GLY C 38 -9.68 21.73 -30.22
N LEU C 39 -9.17 20.96 -29.25
CA LEU C 39 -8.07 20.03 -29.50
C LEU C 39 -8.42 18.60 -29.12
N GLY C 40 -9.70 18.29 -28.96
CA GLY C 40 -10.12 16.93 -28.68
C GLY C 40 -9.90 16.44 -27.28
N LYS C 41 -9.82 17.34 -26.30
CA LYS C 41 -9.55 16.90 -24.93
C LYS C 41 -10.70 16.10 -24.35
N SER C 42 -11.93 16.61 -24.49
CA SER C 42 -13.09 15.89 -23.98
C SER C 42 -13.26 14.55 -24.69
N THR C 43 -13.08 14.53 -26.01
CA THR C 43 -13.21 13.29 -26.76
C THR C 43 -12.10 12.31 -26.36
N LEU C 44 -10.89 12.80 -26.12
CA LEU C 44 -9.82 11.89 -25.72
C LEU C 44 -10.07 11.30 -24.35
N VAL C 45 -10.56 12.10 -23.41
CA VAL C 45 -10.87 11.55 -22.09
C VAL C 45 -12.01 10.55 -22.18
N ASN C 46 -13.00 10.83 -23.04
CA ASN C 46 -14.09 9.88 -23.22
C ASN C 46 -13.60 8.59 -23.87
N THR C 47 -12.62 8.68 -24.76
CA THR C 47 -12.11 7.50 -25.45
C THR C 47 -11.21 6.66 -24.57
N ILE C 48 -10.40 7.29 -23.72
CA ILE C 48 -9.49 6.55 -22.84
C ILE C 48 -10.29 5.66 -21.91
N PHE C 49 -11.33 6.21 -21.29
CA PHE C 49 -12.15 5.48 -20.33
C PHE C 49 -13.40 4.89 -20.96
N LYS C 50 -13.59 5.09 -22.26
CA LYS C 50 -14.69 4.47 -23.01
C LYS C 50 -16.03 4.68 -22.32
N SER C 51 -16.23 5.90 -21.83
CA SER C 51 -17.48 6.29 -21.19
C SER C 51 -17.58 7.80 -21.24
N LYS C 52 -18.79 8.30 -21.06
CA LYS C 52 -19.05 9.74 -21.08
C LYS C 52 -18.57 10.33 -19.75
N VAL C 53 -17.27 10.54 -19.66
CA VAL C 53 -16.62 10.96 -18.43
C VAL C 53 -16.31 12.46 -18.42
N SER C 54 -16.03 13.06 -19.57
CA SER C 54 -15.62 14.45 -19.62
C SER C 54 -16.74 15.35 -19.09
N ARG C 55 -16.32 16.54 -18.64
CA ARG C 55 -17.27 17.52 -18.12
C ARG C 55 -18.27 17.93 -19.18
N ARG C 56 -17.79 18.21 -20.39
CA ARG C 56 -18.62 18.69 -21.49
C ARG C 56 -18.63 17.64 -22.59
N GLN C 57 -19.82 17.22 -22.99
CA GLN C 57 -19.94 16.31 -24.11
C GLN C 57 -19.52 17.01 -25.38
N PRO C 58 -18.73 16.36 -26.24
CA PRO C 58 -18.09 17.09 -27.35
C PRO C 58 -19.04 17.74 -28.34
N GLU C 59 -20.34 17.47 -28.22
CA GLU C 59 -21.31 17.92 -29.21
C GLU C 59 -22.31 18.93 -28.69
N GLU C 60 -22.07 19.55 -27.53
CA GLU C 60 -23.11 20.40 -26.93
C GLU C 60 -22.98 21.85 -27.36
N ASP C 61 -21.93 22.53 -26.88
CA ASP C 61 -21.64 23.95 -27.12
C ASP C 61 -20.38 24.30 -26.36
N TYR C 62 -19.79 25.43 -26.72
CA TYR C 62 -18.63 25.95 -26.01
C TYR C 62 -18.44 27.41 -26.36
N HIS C 63 -18.26 28.25 -25.34
CA HIS C 63 -17.95 29.66 -25.51
C HIS C 63 -16.69 29.98 -24.74
N THR C 64 -15.77 30.69 -25.37
CA THR C 64 -14.47 30.94 -24.78
C THR C 64 -14.61 31.84 -23.56
N PRO C 65 -14.20 31.40 -22.37
CA PRO C 65 -14.23 32.29 -21.21
C PRO C 65 -13.19 33.39 -21.30
N SER C 66 -13.49 34.51 -20.66
CA SER C 66 -12.59 35.65 -20.65
C SER C 66 -11.40 35.44 -19.73
N THR C 67 -11.41 34.39 -18.91
CA THR C 67 -10.30 34.08 -18.03
C THR C 67 -10.04 32.58 -18.08
N VAL C 68 -8.80 32.20 -17.77
CA VAL C 68 -8.45 30.79 -17.72
C VAL C 68 -9.08 30.18 -16.48
N GLU C 69 -10.02 29.28 -16.67
CA GLU C 69 -10.74 28.64 -15.58
C GLU C 69 -10.33 27.19 -15.43
N ILE C 70 -10.45 26.67 -14.22
CA ILE C 70 -10.15 25.28 -13.92
C ILE C 70 -11.43 24.62 -13.45
N LYS C 71 -11.83 23.54 -14.10
CA LYS C 71 -13.04 22.83 -13.75
C LYS C 71 -12.77 21.35 -13.61
N THR C 72 -13.51 20.70 -12.71
CA THR C 72 -13.24 19.33 -12.32
C THR C 72 -14.54 18.53 -12.29
N ILE C 73 -14.47 17.30 -12.78
CA ILE C 73 -15.57 16.36 -12.69
C ILE C 73 -15.05 15.07 -12.07
N SER C 74 -15.93 14.34 -11.41
CA SER C 74 -15.57 13.11 -10.72
C SER C 74 -16.55 12.01 -11.06
N HIS C 75 -16.03 10.78 -11.15
CA HIS C 75 -16.83 9.63 -11.53
C HIS C 75 -16.31 8.40 -10.78
N VAL C 76 -17.15 7.37 -10.74
CA VAL C 76 -16.78 6.07 -10.21
C VAL C 76 -16.91 5.06 -11.35
N ILE C 77 -15.81 4.39 -11.68
CA ILE C 77 -15.77 3.47 -12.81
C ILE C 77 -15.58 2.06 -12.28
N GLU C 78 -16.41 1.14 -12.76
CA GLU C 78 -16.40 -0.27 -12.40
C GLU C 78 -15.69 -1.07 -13.48
N GLU C 79 -14.72 -1.88 -13.08
CA GLU C 79 -14.04 -2.76 -14.02
C GLU C 79 -13.68 -4.05 -13.31
N LYS C 80 -14.47 -5.11 -13.55
CA LYS C 80 -14.23 -6.44 -12.98
C LYS C 80 -13.95 -6.37 -11.49
N GLY C 81 -14.85 -5.71 -10.76
CA GLY C 81 -14.76 -5.62 -9.32
C GLY C 81 -13.91 -4.47 -8.82
N ILE C 82 -13.13 -3.83 -9.66
CA ILE C 82 -12.24 -2.75 -9.25
C ILE C 82 -12.93 -1.41 -9.46
N LEU C 83 -12.98 -0.61 -8.40
CA LEU C 83 -13.54 0.74 -8.41
C LEU C 83 -12.43 1.75 -8.62
N LEU C 84 -12.63 2.64 -9.58
CA LEU C 84 -11.70 3.74 -9.82
C LEU C 84 -12.45 5.05 -9.60
N LYS C 85 -12.00 5.83 -8.62
CA LYS C 85 -12.50 7.17 -8.38
C LYS C 85 -11.71 8.10 -9.28
N LEU C 86 -12.32 8.48 -10.40
CA LEU C 86 -11.63 9.21 -11.44
C LEU C 86 -11.99 10.70 -11.36
N SER C 87 -10.97 11.53 -11.31
CA SER C 87 -11.13 12.98 -11.39
C SER C 87 -10.53 13.46 -12.70
N VAL C 88 -11.31 14.22 -13.46
CA VAL C 88 -10.85 14.81 -14.71
C VAL C 88 -10.91 16.32 -14.55
N THR C 89 -9.79 16.98 -14.76
CA THR C 89 -9.67 18.43 -14.59
C THR C 89 -9.33 19.06 -15.94
N ASP C 90 -10.24 19.85 -16.46
CA ASP C 90 -10.03 20.59 -17.69
C ASP C 90 -9.78 22.07 -17.40
N THR C 91 -9.17 22.74 -18.37
CA THR C 91 -8.78 24.14 -18.24
C THR C 91 -9.38 24.93 -19.40
N PRO C 92 -10.68 25.24 -19.35
CA PRO C 92 -11.26 26.07 -20.40
C PRO C 92 -10.68 27.48 -20.38
N GLY C 93 -10.53 28.04 -21.59
CA GLY C 93 -10.01 29.38 -21.75
C GLY C 93 -8.51 29.48 -21.87
N PHE C 94 -7.78 28.37 -21.80
CA PHE C 94 -6.33 28.40 -21.80
C PHE C 94 -5.80 28.59 -23.21
N GLY C 95 -4.82 29.48 -23.36
CA GLY C 95 -4.15 29.66 -24.64
C GLY C 95 -5.03 30.19 -25.75
N ASP C 96 -6.15 30.81 -25.41
CA ASP C 96 -7.11 31.27 -26.41
C ASP C 96 -7.33 32.77 -26.38
N GLN C 97 -6.66 33.49 -25.48
CA GLN C 97 -6.88 34.92 -25.34
C GLN C 97 -5.89 35.71 -26.19
N VAL C 98 -6.18 37.00 -26.36
CA VAL C 98 -5.26 37.87 -27.07
C VAL C 98 -3.95 38.01 -26.32
N ASP C 99 -4.02 38.21 -25.00
CA ASP C 99 -2.86 38.29 -24.15
C ASP C 99 -2.81 37.03 -23.30
N ASN C 100 -1.72 36.26 -23.43
CA ASN C 100 -1.56 35.00 -22.71
C ASN C 100 -0.45 35.08 -21.67
N THR C 101 -0.05 36.28 -21.29
CA THR C 101 0.98 36.43 -20.26
C THR C 101 0.48 35.85 -18.95
N ASN C 102 1.31 35.04 -18.31
CA ASN C 102 0.99 34.41 -17.03
C ASN C 102 -0.31 33.61 -17.09
N CYS C 103 -0.46 32.82 -18.16
CA CYS C 103 -1.62 31.93 -18.26
C CYS C 103 -1.39 30.59 -17.58
N TRP C 104 -0.19 30.35 -17.05
CA TRP C 104 0.09 29.13 -16.32
C TRP C 104 -0.25 29.23 -14.84
N GLN C 105 -0.62 30.41 -14.35
CA GLN C 105 -0.88 30.59 -12.93
C GLN C 105 -2.04 29.73 -12.41
N PRO C 106 -3.20 29.67 -13.08
CA PRO C 106 -4.28 28.81 -12.54
C PRO C 106 -3.92 27.34 -12.45
N ILE C 107 -3.16 26.81 -13.41
CA ILE C 107 -2.80 25.38 -13.38
C ILE C 107 -1.88 25.09 -12.20
N MET C 108 -0.83 25.90 -12.06
CA MET C 108 0.09 25.73 -10.94
C MET C 108 -0.63 25.94 -9.62
N ARG C 109 -1.58 26.88 -9.60
CA ARG C 109 -2.36 27.12 -8.39
C ARG C 109 -3.20 25.91 -8.01
N HIS C 110 -3.81 25.26 -9.01
CA HIS C 110 -4.61 24.07 -8.74
C HIS C 110 -3.75 22.95 -8.17
N VAL C 111 -2.61 22.69 -8.80
CA VAL C 111 -1.74 21.62 -8.32
C VAL C 111 -1.23 21.91 -6.92
N ASN C 112 -0.77 23.14 -6.69
CA ASN C 112 -0.28 23.52 -5.37
C ASN C 112 -1.39 23.49 -4.34
N GLU C 113 -2.63 23.75 -4.74
CA GLU C 113 -3.75 23.65 -3.80
C GLU C 113 -3.96 22.21 -3.35
N GLN C 114 -3.88 21.27 -4.30
CA GLN C 114 -3.99 19.86 -3.89
C GLN C 114 -2.84 19.46 -2.98
N TYR C 115 -1.63 19.91 -3.28
CA TYR C 115 -0.51 19.62 -2.39
C TYR C 115 -0.73 20.23 -1.01
N GLU C 116 -1.26 21.46 -0.95
CA GLU C 116 -1.57 22.08 0.33
C GLU C 116 -2.58 21.28 1.12
N LYS C 117 -3.64 20.82 0.45
CA LYS C 117 -4.64 20.04 1.16
C LYS C 117 -4.03 18.78 1.76
N TYR C 118 -3.23 18.07 0.97
CA TYR C 118 -2.62 16.85 1.48
C TYR C 118 -1.68 17.14 2.65
N LEU C 119 -0.84 18.17 2.52
CA LEU C 119 0.09 18.50 3.58
C LEU C 119 -0.61 18.94 4.85
N ASN C 120 -1.67 19.74 4.72
CA ASN C 120 -2.35 20.26 5.89
C ASN C 120 -3.15 19.18 6.58
N GLU C 121 -3.62 18.17 5.84
CA GLU C 121 -4.25 17.04 6.50
C GLU C 121 -3.21 16.12 7.15
N GLU C 122 -2.03 16.00 6.56
CA GLU C 122 -0.98 15.16 7.13
C GLU C 122 -0.43 15.74 8.43
N ILE C 123 -0.10 17.04 8.43
CA ILE C 123 0.45 17.64 9.64
C ILE C 123 -0.59 17.75 10.75
N SER C 124 -1.87 17.74 10.39
CA SER C 124 -2.93 17.92 11.37
C SER C 124 -2.86 16.83 12.45
N ILE C 125 -3.04 17.25 13.71
CA ILE C 125 -2.94 16.32 14.82
C ILE C 125 -4.11 15.35 14.82
N LYS C 126 -5.32 15.85 14.58
CA LYS C 126 -6.49 14.97 14.41
C LYS C 126 -6.58 14.55 12.94
N ARG C 127 -5.69 13.61 12.60
CA ARG C 127 -5.54 13.14 11.23
C ARG C 127 -6.48 11.98 10.95
N ARG C 128 -6.97 11.92 9.72
CA ARG C 128 -7.80 10.80 9.32
C ARG C 128 -6.95 9.59 8.94
N LYS C 129 -7.55 8.41 9.06
CA LYS C 129 -6.83 7.16 8.79
C LYS C 129 -6.33 7.11 7.37
N ARG C 130 -7.18 7.49 6.42
CA ARG C 130 -6.84 7.51 5.00
C ARG C 130 -7.15 8.90 4.45
N ILE C 131 -6.12 9.65 4.09
CA ILE C 131 -6.29 10.96 3.49
C ILE C 131 -6.70 10.78 2.03
N PRO C 132 -7.84 11.32 1.61
CA PRO C 132 -8.21 11.23 0.19
C PRO C 132 -7.24 12.02 -0.67
N ASP C 133 -6.71 11.36 -1.69
CA ASP C 133 -5.69 11.96 -2.55
C ASP C 133 -6.42 12.64 -3.69
N THR C 134 -6.41 13.98 -3.67
CA THR C 134 -6.94 14.78 -4.77
C THR C 134 -5.83 15.30 -5.67
N ARG C 135 -4.58 14.95 -5.39
CA ARG C 135 -3.45 15.47 -6.15
C ARG C 135 -3.53 15.05 -7.61
N VAL C 136 -3.08 15.94 -8.48
CA VAL C 136 -3.08 15.69 -9.93
C VAL C 136 -1.99 14.66 -10.22
N HIS C 137 -2.41 13.47 -10.65
CA HIS C 137 -1.47 12.39 -10.89
C HIS C 137 -0.94 12.39 -12.31
N CYS C 138 -1.74 12.79 -13.29
CA CYS C 138 -1.28 12.89 -14.66
C CYS C 138 -1.67 14.25 -15.23
N CYS C 139 -0.85 14.76 -16.14
CA CYS C 139 -1.12 16.01 -16.85
C CYS C 139 -0.86 15.78 -18.33
N ILE C 140 -1.93 15.59 -19.09
CA ILE C 140 -1.83 15.41 -20.54
C ILE C 140 -1.84 16.79 -21.19
N TYR C 141 -0.74 17.12 -21.85
CA TYR C 141 -0.56 18.41 -22.49
C TYR C 141 -0.80 18.27 -23.99
N PHE C 142 -1.75 19.06 -24.51
CA PHE C 142 -2.15 18.97 -25.90
C PHE C 142 -1.41 20.03 -26.72
N ILE C 143 -0.68 19.60 -27.72
CA ILE C 143 0.03 20.48 -28.63
C ILE C 143 -0.71 20.49 -29.96
N PRO C 144 -1.09 21.65 -30.49
CA PRO C 144 -1.83 21.67 -31.74
C PRO C 144 -0.95 21.20 -32.90
N PRO C 145 -1.54 20.58 -33.92
CA PRO C 145 -0.76 20.05 -35.04
C PRO C 145 -0.35 21.12 -36.05
N SER C 146 0.51 22.03 -35.61
CA SER C 146 0.98 23.09 -36.50
C SER C 146 1.89 22.54 -37.58
N GLY C 147 2.80 21.64 -37.22
CA GLY C 147 3.77 21.11 -38.16
C GLY C 147 5.05 21.90 -38.28
N HIS C 148 5.22 22.95 -37.51
CA HIS C 148 6.42 23.78 -37.56
C HIS C 148 7.25 23.70 -36.30
N SER C 149 6.67 24.05 -35.15
CA SER C 149 7.38 24.10 -33.88
C SER C 149 6.36 24.31 -32.77
N LEU C 150 6.84 24.19 -31.54
CA LEU C 150 6.01 24.52 -30.38
C LEU C 150 5.73 26.01 -30.34
N ARG C 151 4.54 26.37 -29.86
CA ARG C 151 4.25 27.77 -29.60
C ARG C 151 5.00 28.23 -28.37
N LEU C 152 5.29 29.54 -28.31
CA LEU C 152 5.97 30.09 -27.14
C LEU C 152 5.12 29.92 -25.89
N VAL C 153 3.81 30.13 -26.01
CA VAL C 153 2.89 29.90 -24.90
C VAL C 153 2.91 28.45 -24.47
N ASP C 154 3.28 27.54 -25.36
CA ASP C 154 3.34 26.12 -25.01
C ASP C 154 4.63 25.81 -24.27
N ILE C 155 5.74 26.38 -24.75
CA ILE C 155 7.04 26.19 -24.10
C ILE C 155 7.00 26.73 -22.68
N GLU C 156 6.43 27.92 -22.49
CA GLU C 156 6.39 28.51 -21.16
C GLU C 156 5.63 27.63 -20.18
N VAL C 157 4.43 27.22 -20.56
CA VAL C 157 3.60 26.44 -19.65
C VAL C 157 4.23 25.08 -19.36
N MET C 158 4.80 24.42 -20.38
CA MET C 158 5.45 23.14 -20.11
C MET C 158 6.66 23.31 -19.21
N LYS C 159 7.44 24.37 -19.43
CA LYS C 159 8.63 24.60 -18.61
C LYS C 159 8.24 24.81 -17.15
N ARG C 160 7.16 25.55 -16.90
CA ARG C 160 6.72 25.73 -15.52
C ARG C 160 6.13 24.45 -14.94
N LEU C 161 5.41 23.68 -15.76
CA LEU C 161 4.64 22.56 -15.24
C LEU C 161 5.52 21.35 -14.93
N VAL C 162 6.57 21.12 -15.72
CA VAL C 162 7.37 19.91 -15.54
C VAL C 162 8.11 19.89 -14.23
N GLU C 163 8.24 21.04 -13.56
CA GLU C 163 8.94 21.08 -12.29
C GLU C 163 8.08 20.63 -11.12
N ILE C 164 6.77 20.54 -11.29
CA ILE C 164 5.90 20.22 -10.16
C ILE C 164 4.90 19.12 -10.51
N VAL C 165 4.74 18.80 -11.80
CA VAL C 165 3.71 17.86 -12.23
C VAL C 165 4.28 16.94 -13.29
N ASN C 166 3.77 15.71 -13.34
CA ASN C 166 4.06 14.79 -14.43
C ASN C 166 3.37 15.27 -15.70
N VAL C 167 4.15 15.61 -16.71
CA VAL C 167 3.64 16.16 -17.97
C VAL C 167 3.87 15.15 -19.07
N ILE C 168 2.81 14.81 -19.80
CA ILE C 168 2.87 13.88 -20.91
C ILE C 168 2.38 14.61 -22.17
N PRO C 169 3.29 15.03 -23.03
CA PRO C 169 2.88 15.79 -24.22
C PRO C 169 2.27 14.90 -25.29
N VAL C 170 1.17 15.39 -25.87
CA VAL C 170 0.47 14.70 -26.96
C VAL C 170 0.22 15.70 -28.08
N ILE C 171 0.22 15.21 -29.31
CA ILE C 171 -0.11 16.01 -30.47
C ILE C 171 -1.60 15.80 -30.75
N ALA C 172 -2.38 16.85 -30.56
CA ALA C 172 -3.83 16.76 -30.72
C ALA C 172 -4.20 16.71 -32.19
N LYS C 173 -5.30 16.01 -32.48
CA LYS C 173 -5.85 15.92 -33.83
C LYS C 173 -4.78 15.50 -34.83
N SER C 174 -4.14 14.37 -34.53
CA SER C 174 -3.03 13.91 -35.34
C SER C 174 -3.48 13.37 -36.69
N ASP C 175 -4.76 13.19 -36.91
CA ASP C 175 -5.27 12.79 -38.21
C ASP C 175 -5.16 13.88 -39.25
N SER C 176 -4.81 15.10 -38.84
CA SER C 176 -4.55 16.20 -39.76
C SER C 176 -3.10 16.21 -40.24
N LEU C 177 -2.28 15.27 -39.79
CA LEU C 177 -0.87 15.22 -40.13
C LEU C 177 -0.60 13.97 -40.96
N THR C 178 0.10 14.14 -42.07
CA THR C 178 0.67 12.99 -42.76
C THR C 178 1.85 12.47 -41.96
N LEU C 179 2.27 11.24 -42.28
CA LEU C 179 3.30 10.58 -41.49
C LEU C 179 4.61 11.34 -41.53
N GLU C 180 4.99 11.85 -42.70
CA GLU C 180 6.24 12.61 -42.80
C GLU C 180 6.17 13.88 -41.97
N GLU C 181 5.04 14.60 -42.06
CA GLU C 181 4.85 15.78 -41.24
C GLU C 181 4.84 15.43 -39.76
N ARG C 182 4.23 14.30 -39.41
CA ARG C 182 4.20 13.85 -38.02
C ARG C 182 5.61 13.62 -37.49
N GLU C 183 6.46 12.98 -38.29
CA GLU C 183 7.82 12.71 -37.86
C GLU C 183 8.63 13.99 -37.73
N ARG C 184 8.51 14.93 -38.69
CA ARG C 184 9.24 16.18 -38.55
C ARG C 184 8.78 16.96 -37.33
N PHE C 185 7.46 17.02 -37.10
CA PHE C 185 6.93 17.73 -35.95
C PHE C 185 7.43 17.13 -34.65
N LYS C 186 7.42 15.79 -34.54
CA LYS C 186 7.90 15.14 -33.33
C LYS C 186 9.38 15.42 -33.12
N ALA C 187 10.18 15.36 -34.18
CA ALA C 187 11.61 15.63 -34.05
C ALA C 187 11.85 17.06 -33.58
N THR C 188 11.14 18.03 -34.16
CA THR C 188 11.34 19.42 -33.77
C THR C 188 10.91 19.66 -32.33
N ILE C 189 9.79 19.06 -31.92
CA ILE C 189 9.35 19.21 -30.53
C ILE C 189 10.37 18.63 -29.57
N GLN C 190 10.90 17.44 -29.89
CA GLN C 190 11.89 16.82 -29.02
C GLN C 190 13.16 17.67 -28.93
N GLN C 191 13.61 18.21 -30.07
CA GLN C 191 14.79 19.07 -30.05
C GLN C 191 14.55 20.31 -29.20
N GLN C 192 13.37 20.91 -29.31
CA GLN C 192 13.06 22.08 -28.49
C GLN C 192 12.97 21.74 -27.02
N LEU C 193 12.46 20.55 -26.68
CA LEU C 193 12.44 20.13 -25.29
C LEU C 193 13.84 19.99 -24.74
N ILE C 194 14.75 19.39 -25.52
CA ILE C 194 16.13 19.28 -25.07
C ILE C 194 16.79 20.66 -24.97
N GLU C 195 16.43 21.57 -25.87
CA GLU C 195 17.07 22.88 -25.90
C GLU C 195 16.66 23.73 -24.69
N HIS C 196 15.38 23.73 -24.34
CA HIS C 196 14.88 24.53 -23.23
C HIS C 196 14.83 23.76 -21.92
N ASN C 197 15.39 22.55 -21.89
CA ASN C 197 15.52 21.75 -20.67
C ASN C 197 14.16 21.48 -20.04
N ILE C 198 13.27 20.90 -20.82
CA ILE C 198 11.95 20.48 -20.36
C ILE C 198 11.99 18.97 -20.18
N ARG C 199 11.87 18.51 -18.95
CA ARG C 199 11.96 17.09 -18.63
C ARG C 199 10.56 16.56 -18.38
N VAL C 200 10.06 15.75 -19.31
CA VAL C 200 8.70 15.26 -19.27
C VAL C 200 8.70 13.82 -18.78
N TYR C 201 7.55 13.38 -18.27
CA TYR C 201 7.40 12.01 -17.82
C TYR C 201 7.38 11.07 -19.02
N PRO C 202 8.08 9.92 -18.96
CA PRO C 202 8.85 9.46 -17.81
C PRO C 202 10.25 10.06 -17.72
N ASP C 203 10.72 10.27 -16.50
CA ASP C 203 12.04 10.82 -16.24
C ASP C 203 12.91 9.73 -15.63
N LEU C 204 14.08 9.49 -16.22
CA LEU C 204 14.94 8.41 -15.77
C LEU C 204 15.73 8.75 -14.52
N GLU C 205 15.77 10.03 -14.13
CA GLU C 205 16.43 10.39 -12.88
C GLU C 205 15.62 10.00 -11.65
N ASN C 206 14.35 9.63 -11.84
CA ASN C 206 13.48 9.23 -10.75
C ASN C 206 13.31 7.71 -10.67
N LEU C 207 14.27 6.96 -11.21
CA LEU C 207 14.21 5.50 -11.23
C LEU C 207 15.44 4.93 -10.53
N ASP C 208 15.27 3.73 -9.99
CA ASP C 208 16.36 3.08 -9.29
C ASP C 208 17.48 2.71 -10.25
N VAL C 209 18.72 2.83 -9.78
CA VAL C 209 19.87 2.49 -10.61
C VAL C 209 19.93 1.00 -10.87
N ASP C 210 19.55 0.18 -9.87
CA ASP C 210 19.65 -1.26 -10.02
C ASP C 210 18.73 -1.79 -11.12
N ASP C 211 17.51 -1.28 -11.18
CA ASP C 211 16.54 -1.79 -12.16
C ASP C 211 16.94 -1.37 -13.57
N GLU C 212 16.83 -2.32 -14.51
CA GLU C 212 17.18 -2.03 -15.89
C GLU C 212 16.06 -2.44 -16.83
N THR C 213 15.39 -3.56 -16.54
CA THR C 213 14.31 -4.03 -17.40
C THR C 213 13.11 -3.09 -17.36
N GLU C 214 12.97 -2.28 -16.31
CA GLU C 214 11.96 -1.24 -16.26
C GLU C 214 12.47 0.11 -16.71
N ARG C 215 13.78 0.34 -16.59
CA ARG C 215 14.40 1.54 -17.13
C ARG C 215 14.34 1.59 -18.64
N GLN C 216 14.60 0.47 -19.32
CA GLN C 216 14.58 0.43 -20.77
C GLN C 216 13.18 0.72 -21.32
N ARG C 217 12.16 0.18 -20.68
CA ARG C 217 10.79 0.42 -21.13
C ARG C 217 10.42 1.89 -21.03
N ASN C 218 10.78 2.53 -19.92
CA ASN C 218 10.52 3.95 -19.77
C ASN C 218 11.34 4.78 -20.74
N LEU C 219 12.55 4.33 -21.08
CA LEU C 219 13.33 5.03 -22.09
C LEU C 219 12.68 4.94 -23.47
N LYS C 220 12.11 3.79 -23.82
CA LYS C 220 11.38 3.68 -25.08
C LYS C 220 10.18 4.62 -25.09
N LEU C 221 9.41 4.63 -23.98
CA LEU C 221 8.27 5.53 -23.90
C LEU C 221 8.71 6.99 -24.03
N LYS C 222 9.83 7.35 -23.41
CA LYS C 222 10.34 8.71 -23.51
C LYS C 222 10.71 9.06 -24.93
N GLU C 223 11.38 8.14 -25.63
CA GLU C 223 11.78 8.41 -27.00
C GLU C 223 10.58 8.53 -27.92
N ARG C 224 9.49 7.84 -27.62
CA ARG C 224 8.31 7.93 -28.48
C ARG C 224 7.52 9.23 -28.28
N LEU C 225 7.69 9.92 -27.17
CA LEU C 225 6.97 11.17 -26.93
C LEU C 225 7.44 12.27 -27.88
N PRO C 226 6.56 13.22 -28.23
CA PRO C 226 5.15 13.33 -27.88
C PRO C 226 4.22 12.47 -28.74
N PHE C 227 3.22 11.87 -28.11
CA PHE C 227 2.33 10.95 -28.81
C PHE C 227 1.45 11.68 -29.81
N ALA C 228 1.13 10.99 -30.90
CA ALA C 228 0.19 11.47 -31.90
C ALA C 228 -1.14 10.75 -31.67
N ILE C 229 -2.12 11.45 -31.13
CA ILE C 229 -3.35 10.84 -30.64
C ILE C 229 -4.51 11.21 -31.54
N VAL C 230 -5.49 10.31 -31.59
CA VAL C 230 -6.78 10.56 -32.23
C VAL C 230 -7.85 10.01 -31.31
N GLY C 231 -8.89 10.79 -31.07
CA GLY C 231 -9.97 10.40 -30.17
C GLY C 231 -11.31 10.39 -30.88
N SER C 232 -12.16 9.43 -30.52
CA SER C 232 -13.49 9.34 -31.08
C SER C 232 -14.37 8.52 -30.15
N SER C 233 -15.67 8.61 -30.37
CA SER C 233 -16.63 7.85 -29.59
C SER C 233 -17.75 7.26 -30.44
N THR C 234 -17.69 7.40 -31.76
CA THR C 234 -18.71 6.88 -32.66
C THR C 234 -18.21 5.61 -33.30
N THR C 235 -19.03 4.56 -33.27
CA THR C 235 -18.65 3.26 -33.80
C THR C 235 -19.08 3.17 -35.26
N HIS C 236 -18.13 2.87 -36.13
CA HIS C 236 -18.38 2.74 -37.56
C HIS C 236 -18.12 1.31 -37.99
N GLN C 237 -18.81 0.90 -39.05
CA GLN C 237 -18.65 -0.44 -39.60
C GLN C 237 -17.61 -0.41 -40.71
N VAL C 238 -16.43 -0.95 -40.43
CA VAL C 238 -15.36 -1.05 -41.41
C VAL C 238 -15.18 -2.53 -41.73
N GLY C 239 -15.41 -2.88 -43.00
CA GLY C 239 -15.39 -4.28 -43.39
C GLY C 239 -16.51 -5.04 -42.69
N SER C 240 -16.15 -5.87 -41.71
CA SER C 240 -17.12 -6.57 -40.88
C SER C 240 -16.93 -6.27 -39.41
N LYS C 241 -16.16 -5.24 -39.07
CA LYS C 241 -15.82 -4.92 -37.69
C LYS C 241 -16.43 -3.59 -37.28
N ALA C 242 -16.99 -3.56 -36.08
CA ALA C 242 -17.51 -2.33 -35.48
C ALA C 242 -16.38 -1.70 -34.68
N VAL C 243 -15.79 -0.63 -35.23
CA VAL C 243 -14.59 -0.05 -34.66
C VAL C 243 -14.84 1.41 -34.31
N LEU C 244 -14.20 1.85 -33.21
CA LEU C 244 -14.21 3.26 -32.86
C LEU C 244 -13.35 4.04 -33.85
N GLY C 245 -13.87 5.17 -34.31
CA GLY C 245 -13.10 5.99 -35.22
C GLY C 245 -13.91 7.16 -35.71
N ARG C 246 -13.32 7.88 -36.65
CA ARG C 246 -13.95 9.03 -37.27
C ARG C 246 -14.15 8.75 -38.76
N LYS C 247 -15.34 8.98 -39.27
CA LYS C 247 -15.63 8.78 -40.68
C LYS C 247 -15.50 10.10 -41.41
N ALA C 248 -14.39 10.30 -42.11
CA ALA C 248 -14.22 11.45 -42.96
C ALA C 248 -14.84 11.14 -44.32
N GLY C 249 -14.70 12.05 -45.27
CA GLY C 249 -15.19 11.78 -46.61
C GLY C 249 -14.28 10.92 -47.46
N TRP C 250 -13.13 10.52 -46.92
CA TRP C 250 -12.17 9.72 -47.65
C TRP C 250 -11.71 8.47 -46.91
N GLY C 251 -12.21 8.22 -45.72
CA GLY C 251 -11.85 7.00 -45.02
C GLY C 251 -12.27 7.05 -43.57
N VAL C 252 -12.09 5.91 -42.91
CA VAL C 252 -12.41 5.75 -41.50
C VAL C 252 -11.10 5.70 -40.72
N ILE C 253 -10.90 6.70 -39.87
CA ILE C 253 -9.71 6.82 -39.05
C ILE C 253 -9.97 6.05 -37.77
N GLU C 254 -9.27 4.93 -37.59
CA GLU C 254 -9.54 4.05 -36.46
C GLU C 254 -8.62 4.40 -35.28
N VAL C 255 -9.23 4.60 -34.12
CA VAL C 255 -8.48 5.03 -32.94
C VAL C 255 -7.61 3.91 -32.40
N GLU C 256 -8.11 2.68 -32.42
CA GLU C 256 -7.42 1.56 -31.81
C GLU C 256 -6.35 0.96 -32.71
N ASN C 257 -6.19 1.47 -33.93
CA ASN C 257 -5.24 0.91 -34.89
C ASN C 257 -3.88 1.57 -34.69
N ASP C 258 -2.86 0.75 -34.48
CA ASP C 258 -1.51 1.28 -34.24
C ASP C 258 -0.91 1.87 -35.50
N ALA C 259 -1.34 1.41 -36.67
CA ALA C 259 -0.86 1.97 -37.92
C ALA C 259 -1.42 3.35 -38.20
N HIS C 260 -2.49 3.75 -37.52
CA HIS C 260 -3.17 5.02 -37.74
C HIS C 260 -2.75 6.09 -36.75
N CYS C 261 -2.91 5.83 -35.44
CA CYS C 261 -2.56 6.79 -34.42
C CYS C 261 -1.91 6.08 -33.25
N GLU C 262 -1.22 6.85 -32.41
CA GLU C 262 -0.54 6.35 -31.23
C GLU C 262 -1.40 6.45 -29.97
N PHE C 263 -2.72 6.33 -30.10
CA PHE C 263 -3.59 6.39 -28.94
C PHE C 263 -3.38 5.20 -28.02
N ASN C 264 -3.09 4.04 -28.60
CA ASN C 264 -2.88 2.84 -27.80
C ASN C 264 -1.70 3.01 -26.86
N HIS C 265 -0.63 3.64 -27.33
CA HIS C 265 0.52 3.88 -26.46
C HIS C 265 0.14 4.75 -25.27
N LEU C 266 -0.61 5.83 -25.52
CA LEU C 266 -1.00 6.73 -24.44
C LEU C 266 -1.89 6.01 -23.44
N ARG C 267 -2.87 5.25 -23.93
CA ARG C 267 -3.81 4.60 -23.03
C ARG C 267 -3.15 3.48 -22.24
N ASN C 268 -2.22 2.75 -22.86
CA ASN C 268 -1.49 1.72 -22.14
C ASN C 268 -0.57 2.34 -21.09
N MET C 269 0.09 3.45 -21.43
CA MET C 269 0.97 4.10 -20.47
C MET C 269 0.19 4.65 -19.28
N ILE C 270 -0.96 5.27 -19.53
CA ILE C 270 -1.73 5.87 -18.44
C ILE C 270 -2.43 4.82 -17.61
N ILE C 271 -3.17 3.91 -18.26
CA ILE C 271 -4.09 3.04 -17.54
C ILE C 271 -3.45 1.70 -17.19
N ARG C 272 -2.70 1.09 -18.11
CA ARG C 272 -2.30 -0.30 -17.96
C ARG C 272 -0.87 -0.52 -17.50
N THR C 273 0.02 0.43 -17.66
CA THR C 273 1.42 0.19 -17.32
C THR C 273 1.97 1.13 -16.27
N ASN C 274 1.64 2.42 -16.32
CA ASN C 274 2.31 3.40 -15.47
C ASN C 274 1.34 4.19 -14.58
N LEU C 275 0.15 3.65 -14.31
CA LEU C 275 -0.77 4.35 -13.40
C LEU C 275 -0.17 4.46 -12.01
N GLN C 276 0.26 3.34 -11.44
CA GLN C 276 0.79 3.34 -10.09
C GLN C 276 2.14 4.03 -10.04
N ASP C 277 2.91 3.97 -11.13
CA ASP C 277 4.17 4.71 -11.17
C ASP C 277 3.92 6.21 -11.18
N LEU C 278 2.90 6.66 -11.91
CA LEU C 278 2.52 8.07 -11.88
C LEU C 278 2.12 8.48 -10.46
N LYS C 279 1.30 7.66 -9.81
CA LYS C 279 0.89 7.98 -8.45
C LYS C 279 2.08 8.02 -7.49
N GLU C 280 3.00 7.07 -7.62
CA GLU C 280 4.15 7.01 -6.73
C GLU C 280 5.10 8.18 -6.95
N VAL C 281 5.34 8.55 -8.20
CA VAL C 281 6.21 9.69 -8.48
C VAL C 281 5.57 10.98 -7.99
N THR C 282 4.25 11.10 -8.12
CA THR C 282 3.57 12.25 -7.56
C THR C 282 3.73 12.32 -6.05
N ALA C 283 3.57 11.18 -5.37
CA ALA C 283 3.60 11.18 -3.91
C ALA C 283 5.01 11.31 -3.34
N GLN C 284 6.02 10.86 -4.08
CA GLN C 284 7.36 10.73 -3.52
C GLN C 284 8.38 11.70 -4.10
N VAL C 285 8.14 12.27 -5.28
CA VAL C 285 9.07 13.20 -5.90
C VAL C 285 8.54 14.62 -5.88
N HIS C 286 7.30 14.83 -6.32
CA HIS C 286 6.75 16.17 -6.40
C HIS C 286 6.17 16.63 -5.07
N TYR C 287 5.45 15.75 -4.37
CA TYR C 287 4.89 16.10 -3.08
C TYR C 287 5.99 16.36 -2.06
N GLU C 288 7.06 15.56 -2.09
CA GLU C 288 8.14 15.72 -1.12
C GLU C 288 8.87 17.03 -1.32
N LEU C 289 9.13 17.41 -2.58
CA LEU C 289 9.80 18.68 -2.84
C LEU C 289 8.94 19.86 -2.42
N TYR C 290 7.62 19.73 -2.58
CA TYR C 290 6.73 20.76 -2.06
C TYR C 290 6.79 20.83 -0.55
N ARG C 291 6.89 19.66 0.11
CA ARG C 291 6.91 19.60 1.56
C ARG C 291 8.17 20.26 2.12
N HIS C 292 9.32 19.98 1.52
CA HIS C 292 10.58 20.50 2.04
C HIS C 292 10.66 22.01 1.88
N ARG C 293 10.04 22.55 0.83
CA ARG C 293 10.06 24.00 0.63
C ARG C 293 9.21 24.72 1.67
N ARG C 294 8.02 24.20 1.95
CA ARG C 294 7.14 24.85 2.91
C ARG C 294 7.70 24.81 4.32
N LEU C 295 8.19 23.65 4.75
CA LEU C 295 8.65 23.51 6.13
C LEU C 295 9.87 24.38 6.39
N GLU C 296 10.76 24.51 5.41
CA GLU C 296 11.85 25.46 5.55
C GLU C 296 11.33 26.89 5.66
N THR C 297 10.29 27.22 4.89
CA THR C 297 9.70 28.55 4.95
C THR C 297 9.08 28.81 6.31
N LEU C 298 8.36 27.83 6.85
CA LEU C 298 7.73 27.98 8.15
C LEU C 298 8.69 27.57 9.26
N GLY D 36 0.32 44.16 -67.04
CA GLY D 36 -0.93 43.43 -67.26
C GLY D 36 -2.05 43.88 -66.36
N PHE D 37 -2.55 42.97 -65.54
CA PHE D 37 -3.63 43.24 -64.60
C PHE D 37 -3.07 43.15 -63.18
N GLU D 38 -3.20 44.23 -62.43
CA GLU D 38 -2.61 44.31 -61.09
C GLU D 38 -3.61 43.86 -60.04
N PHE D 39 -3.11 43.15 -59.04
CA PHE D 39 -3.96 42.71 -57.94
C PHE D 39 -3.09 42.40 -56.73
N THR D 40 -3.69 42.48 -55.55
CA THR D 40 -2.94 42.16 -54.34
C THR D 40 -3.83 41.49 -53.30
N LEU D 41 -3.23 40.48 -52.67
CA LEU D 41 -3.89 39.61 -51.71
C LEU D 41 -3.04 39.56 -50.46
N MET D 42 -3.66 39.76 -49.31
CA MET D 42 -2.97 39.76 -48.03
C MET D 42 -3.44 38.55 -47.22
N VAL D 43 -2.48 37.76 -46.77
CA VAL D 43 -2.76 36.51 -46.06
C VAL D 43 -2.50 36.74 -44.57
N VAL D 44 -3.54 36.53 -43.77
CA VAL D 44 -3.47 36.70 -42.32
C VAL D 44 -4.00 35.44 -41.63
N GLY D 45 -3.32 35.04 -40.57
CA GLY D 45 -3.67 33.86 -39.82
C GLY D 45 -2.52 33.45 -38.92
N GLU D 46 -2.80 32.47 -38.08
CA GLU D 46 -1.75 31.96 -37.20
C GLU D 46 -0.74 31.14 -37.99
N SER D 47 0.47 31.04 -37.44
CA SER D 47 1.52 30.26 -38.08
C SER D 47 1.19 28.78 -38.04
N GLY D 48 1.40 28.10 -39.17
CA GLY D 48 1.14 26.69 -39.25
C GLY D 48 -0.29 26.36 -39.62
N LEU D 49 -0.82 26.96 -40.70
CA LEU D 49 -2.21 26.72 -41.07
C LEU D 49 -2.40 26.48 -42.57
N GLY D 50 -1.33 26.20 -43.30
CA GLY D 50 -1.46 25.97 -44.72
C GLY D 50 -1.73 27.21 -45.54
N LYS D 51 -1.29 28.37 -45.07
CA LYS D 51 -1.47 29.60 -45.84
C LYS D 51 -0.57 29.62 -47.06
N SER D 52 0.72 29.29 -46.89
CA SER D 52 1.63 29.24 -48.03
C SER D 52 1.21 28.15 -49.02
N THR D 53 0.83 26.98 -48.50
CA THR D 53 0.37 25.91 -49.39
C THR D 53 -0.89 26.31 -50.14
N LEU D 54 -1.83 26.98 -49.47
CA LEU D 54 -3.05 27.39 -50.15
C LEU D 54 -2.76 28.45 -51.20
N ILE D 55 -1.85 29.37 -50.91
CA ILE D 55 -1.46 30.37 -51.91
C ILE D 55 -0.84 29.70 -53.12
N ASN D 56 0.05 28.73 -52.90
CA ASN D 56 0.67 28.03 -54.01
C ASN D 56 -0.35 27.19 -54.77
N SER D 57 -1.38 26.69 -54.10
CA SER D 57 -2.39 25.89 -54.78
C SER D 57 -3.31 26.75 -55.62
N LEU D 58 -3.75 27.90 -55.09
CA LEU D 58 -4.66 28.76 -55.82
C LEU D 58 -4.01 29.28 -57.09
N PHE D 59 -2.84 29.87 -56.96
CA PHE D 59 -2.03 30.29 -58.09
C PHE D 59 -0.88 29.29 -58.21
N LEU D 60 -0.94 28.44 -59.23
CA LEU D 60 -0.10 27.25 -59.25
C LEU D 60 1.36 27.60 -59.46
N SER D 61 1.95 28.27 -58.47
CA SER D 61 3.34 28.65 -58.51
C SER D 61 3.94 28.43 -57.13
N ASP D 62 5.20 28.03 -57.11
CA ASP D 62 5.91 27.80 -55.85
C ASP D 62 6.42 29.11 -55.26
N THR D 78 8.32 40.79 -34.12
CA THR D 78 7.27 41.79 -34.32
C THR D 78 6.48 41.50 -35.57
N VAL D 79 5.20 41.89 -35.57
CA VAL D 79 4.34 41.67 -36.72
C VAL D 79 4.65 42.74 -37.77
N LYS D 80 5.31 42.34 -38.85
CA LYS D 80 5.66 43.24 -39.94
C LYS D 80 5.22 42.61 -41.25
N VAL D 81 4.45 43.38 -42.04
CA VAL D 81 3.92 42.86 -43.29
C VAL D 81 5.06 42.64 -44.28
N GLU D 82 5.10 41.47 -44.89
CA GLU D 82 6.13 41.13 -45.86
C GLU D 82 5.50 41.01 -47.24
N THR D 83 6.06 41.73 -48.21
CA THR D 83 5.48 41.86 -49.54
C THR D 83 6.31 41.10 -50.56
N THR D 84 5.65 40.32 -51.41
CA THR D 84 6.30 39.66 -52.53
C THR D 84 5.53 39.94 -53.80
N LYS D 85 6.24 40.00 -54.93
CA LYS D 85 5.64 40.31 -56.23
C LYS D 85 5.88 39.15 -57.19
N VAL D 86 4.81 38.72 -57.86
CA VAL D 86 4.86 37.61 -58.80
C VAL D 86 4.20 38.03 -60.10
N LEU D 87 4.73 37.54 -61.22
CA LEU D 87 4.13 37.71 -62.53
C LEU D 87 3.65 36.35 -63.01
N ILE D 88 2.33 36.19 -63.14
CA ILE D 88 1.73 34.91 -63.50
C ILE D 88 1.05 35.10 -64.86
N LYS D 89 1.59 34.46 -65.89
CA LYS D 89 0.98 34.54 -67.21
C LYS D 89 0.02 33.38 -67.44
N GLU D 90 -0.91 33.18 -66.49
CA GLU D 90 -1.86 32.08 -66.61
C GLU D 90 -2.91 32.40 -67.66
N ASN D 91 -3.31 31.37 -68.41
CA ASN D 91 -4.38 31.41 -69.42
C ASN D 91 -4.18 32.52 -70.46
N GLY D 92 -2.97 33.08 -70.55
CA GLY D 92 -2.64 34.12 -71.49
C GLY D 92 -2.73 35.53 -70.92
N VAL D 93 -3.44 35.69 -69.81
CA VAL D 93 -3.61 36.99 -69.17
C VAL D 93 -2.52 37.17 -68.13
N THR D 94 -1.71 38.23 -68.28
CA THR D 94 -0.63 38.47 -67.34
C THR D 94 -1.18 39.14 -66.08
N LEU D 95 -0.93 38.51 -64.93
CA LEU D 95 -1.40 39.01 -63.64
C LEU D 95 -0.19 39.39 -62.80
N ARG D 96 -0.11 40.64 -62.38
CA ARG D 96 0.91 41.11 -61.46
C ARG D 96 0.30 41.02 -60.07
N LEU D 97 0.70 39.99 -59.33
CA LEU D 97 0.10 39.66 -58.04
C LEU D 97 1.07 40.04 -56.93
N THR D 98 0.62 40.92 -56.04
CA THR D 98 1.37 41.30 -54.85
C THR D 98 0.76 40.58 -53.66
N ILE D 99 1.53 39.71 -53.03
CA ILE D 99 1.07 38.92 -51.91
C ILE D 99 1.73 39.46 -50.65
N ASP D 100 0.90 39.86 -49.69
CA ASP D 100 1.35 40.48 -48.45
C ASP D 100 1.06 39.50 -47.32
N ASP D 101 2.09 38.81 -46.84
CA ASP D 101 1.93 37.91 -45.73
C ASP D 101 2.08 38.67 -44.41
N THR D 102 1.32 38.24 -43.40
CA THR D 102 1.46 38.81 -42.06
C THR D 102 2.14 37.79 -41.16
N PRO D 103 3.46 37.84 -41.00
CA PRO D 103 4.13 36.91 -40.09
C PRO D 103 4.15 37.42 -38.66
N GLY D 104 4.13 36.48 -37.73
CA GLY D 104 4.08 36.82 -36.32
C GLY D 104 2.69 37.09 -35.77
N PHE D 105 1.66 37.03 -36.61
CA PHE D 105 0.30 37.25 -36.15
C PHE D 105 -0.17 36.05 -35.34
N GLY D 106 -0.56 36.28 -34.10
CA GLY D 106 -1.03 35.21 -33.26
C GLY D 106 0.04 34.23 -32.81
N ASP D 107 1.30 34.64 -32.88
CA ASP D 107 2.41 33.75 -32.54
C ASP D 107 3.00 34.03 -31.17
N ALA D 108 3.18 35.29 -30.82
CA ALA D 108 3.74 35.65 -29.53
C ALA D 108 2.72 35.39 -28.42
N VAL D 109 3.22 35.38 -27.18
CA VAL D 109 2.34 35.21 -26.03
C VAL D 109 1.39 36.39 -25.91
N ASP D 110 1.88 37.59 -26.23
CA ASP D 110 1.09 38.82 -26.20
C ASP D 110 0.79 39.24 -27.63
N ASN D 111 -0.47 39.19 -28.02
CA ASN D 111 -0.92 39.62 -29.33
C ASN D 111 -1.72 40.91 -29.29
N SER D 112 -1.53 41.72 -28.25
CA SER D 112 -2.31 42.94 -28.07
C SER D 112 -2.02 43.91 -29.20
N ASN D 113 -3.06 44.24 -29.97
CA ASN D 113 -2.95 45.18 -31.08
C ASN D 113 -1.89 44.75 -32.09
N CYS D 114 -1.79 43.45 -32.34
CA CYS D 114 -0.89 42.95 -33.37
C CYS D 114 -1.42 43.24 -34.78
N TRP D 115 -2.70 43.61 -34.88
CA TRP D 115 -3.30 43.93 -36.16
C TRP D 115 -3.10 45.38 -36.56
N GLN D 116 -2.40 46.17 -35.74
CA GLN D 116 -2.12 47.56 -36.10
C GLN D 116 -1.23 47.65 -37.33
N ALA D 117 -0.25 46.75 -37.45
CA ALA D 117 0.63 46.77 -38.62
C ALA D 117 -0.17 46.52 -39.90
N VAL D 118 -1.15 45.64 -39.84
CA VAL D 118 -2.02 45.41 -40.98
C VAL D 118 -2.77 46.68 -41.35
N ILE D 119 -3.36 47.34 -40.35
CA ILE D 119 -4.11 48.57 -40.60
C ILE D 119 -3.17 49.66 -41.12
N ASN D 120 -2.01 49.81 -40.49
CA ASN D 120 -1.05 50.82 -40.94
C ASN D 120 -0.60 50.55 -42.37
N HIS D 121 -0.51 49.27 -42.75
CA HIS D 121 -0.15 48.93 -44.12
C HIS D 121 -1.22 49.40 -45.09
N ILE D 122 -2.49 49.15 -44.76
CA ILE D 122 -3.58 49.52 -45.66
C ILE D 122 -3.73 51.03 -45.72
N GLU D 123 -3.60 51.71 -44.58
CA GLU D 123 -3.70 53.16 -44.57
C GLU D 123 -2.57 53.79 -45.37
N LYS D 124 -1.35 53.26 -45.26
CA LYS D 124 -0.23 53.81 -46.01
C LYS D 124 -0.45 53.66 -47.51
N LYS D 125 -0.96 52.51 -47.95
CA LYS D 125 -1.28 52.33 -49.36
C LYS D 125 -2.38 53.29 -49.80
N PHE D 126 -3.38 53.48 -48.94
CA PHE D 126 -4.45 54.43 -49.26
C PHE D 126 -3.91 55.85 -49.34
N GLU D 127 -3.01 56.22 -48.43
CA GLU D 127 -2.41 57.55 -48.46
C GLU D 127 -1.56 57.73 -49.71
N ASP D 128 -0.81 56.70 -50.09
CA ASP D 128 0.04 56.81 -51.28
C ASP D 128 -0.79 57.02 -52.53
N TYR D 129 -1.90 56.29 -52.66
CA TYR D 129 -2.75 56.45 -53.84
C TYR D 129 -3.37 57.84 -53.89
N LEU D 130 -3.83 58.35 -52.75
CA LEU D 130 -4.45 59.67 -52.72
C LEU D 130 -3.44 60.76 -53.07
N ASN D 131 -2.21 60.64 -52.56
CA ASN D 131 -1.18 61.60 -52.91
C ASN D 131 -0.85 61.55 -54.39
N ALA D 132 -0.78 60.35 -54.97
CA ALA D 132 -0.54 60.22 -56.40
C ALA D 132 -1.70 60.82 -57.20
N GLU D 133 -2.93 60.58 -56.75
CA GLU D 133 -4.10 61.12 -57.43
C GLU D 133 -4.18 62.63 -57.30
N ALA D 142 -0.53 53.34 -60.47
CA ALA D 142 -0.25 52.06 -59.84
C ALA D 142 -1.19 51.82 -58.66
N ASP D 143 -2.07 50.84 -58.81
CA ASP D 143 -3.05 50.50 -57.77
C ASP D 143 -2.40 49.52 -56.80
N ASN D 144 -1.77 50.06 -55.76
CA ASN D 144 -1.15 49.27 -54.71
C ASN D 144 -2.05 49.06 -53.51
N ARG D 145 -3.31 49.49 -53.59
CA ARG D 145 -4.25 49.30 -52.50
C ARG D 145 -4.52 47.82 -52.29
N VAL D 146 -4.60 47.41 -51.02
CA VAL D 146 -4.76 46.01 -50.67
C VAL D 146 -6.19 45.60 -51.03
N HIS D 147 -6.32 44.78 -52.08
CA HIS D 147 -7.65 44.46 -52.59
C HIS D 147 -8.31 43.35 -51.78
N CYS D 148 -7.67 42.19 -51.67
CA CYS D 148 -8.30 41.09 -50.94
C CYS D 148 -7.48 40.74 -49.71
N CYS D 149 -8.16 40.26 -48.68
CA CYS D 149 -7.51 39.76 -47.47
C CYS D 149 -8.15 38.45 -47.08
N LEU D 150 -7.35 37.39 -47.00
CA LEU D 150 -7.82 36.07 -46.60
C LEU D 150 -7.40 35.81 -45.16
N TYR D 151 -8.39 35.60 -44.29
CA TYR D 151 -8.17 35.27 -42.89
C TYR D 151 -8.39 33.79 -42.69
N PHE D 152 -7.43 33.12 -42.05
CA PHE D 152 -7.51 31.70 -41.82
C PHE D 152 -7.97 31.44 -40.39
N ILE D 153 -9.05 30.68 -40.24
CA ILE D 153 -9.58 30.27 -38.95
C ILE D 153 -9.13 28.85 -38.67
N ALA D 154 -8.47 28.66 -37.54
CA ALA D 154 -8.00 27.33 -37.18
C ALA D 154 -9.20 26.40 -36.97
N PRO D 155 -9.11 25.15 -37.42
CA PRO D 155 -10.25 24.22 -37.35
C PRO D 155 -10.49 23.67 -35.95
N THR D 156 -10.92 24.53 -35.04
CA THR D 156 -11.14 24.14 -33.66
C THR D 156 -12.45 23.38 -33.48
N GLY D 157 -13.45 23.66 -34.29
CA GLY D 157 -14.72 22.98 -34.21
C GLY D 157 -15.73 23.59 -33.27
N HIS D 158 -15.40 24.70 -32.62
CA HIS D 158 -16.30 25.33 -31.66
C HIS D 158 -16.81 26.68 -32.15
N GLY D 159 -15.91 27.60 -32.47
CA GLY D 159 -16.32 28.94 -32.87
C GLY D 159 -15.11 29.82 -33.06
N LEU D 160 -15.38 31.11 -33.16
CA LEU D 160 -14.33 32.09 -33.41
C LEU D 160 -13.59 32.43 -32.12
N LYS D 161 -12.27 32.51 -32.22
CA LYS D 161 -11.43 32.92 -31.11
C LYS D 161 -11.49 34.44 -30.92
N PRO D 162 -11.09 34.93 -29.75
CA PRO D 162 -11.09 36.38 -29.54
C PRO D 162 -10.23 37.14 -30.54
N LEU D 163 -9.09 36.58 -30.94
CA LEU D 163 -8.24 37.27 -31.90
C LEU D 163 -8.93 37.40 -33.26
N ASP D 164 -9.66 36.36 -33.67
CA ASP D 164 -10.38 36.42 -34.94
C ASP D 164 -11.47 37.49 -34.90
N VAL D 165 -12.22 37.54 -33.80
CA VAL D 165 -13.27 38.55 -33.65
C VAL D 165 -12.67 39.95 -33.68
N GLU D 166 -11.57 40.16 -32.95
CA GLU D 166 -10.95 41.48 -32.92
C GLU D 166 -10.45 41.88 -34.29
N PHE D 167 -9.80 40.96 -35.00
CA PHE D 167 -9.28 41.29 -36.33
C PHE D 167 -10.41 41.64 -37.29
N MET D 168 -11.47 40.83 -37.31
CA MET D 168 -12.54 41.10 -38.25
C MET D 168 -13.37 42.31 -37.83
N LYS D 169 -13.33 42.69 -36.56
CA LYS D 169 -13.94 43.96 -36.15
C LYS D 169 -13.12 45.15 -36.64
N ASN D 170 -11.81 45.10 -36.45
CA ASN D 170 -11.00 46.27 -36.81
C ASN D 170 -10.82 46.41 -38.32
N LEU D 171 -10.85 45.32 -39.08
CA LEU D 171 -10.42 45.35 -40.46
C LEU D 171 -11.54 45.20 -41.49
N HIS D 172 -12.79 45.02 -41.06
CA HIS D 172 -13.83 44.75 -42.05
C HIS D 172 -14.31 46.02 -42.74
N ASP D 173 -13.87 47.19 -42.31
CA ASP D 173 -14.18 48.44 -42.99
C ASP D 173 -12.95 49.04 -43.69
N LYS D 174 -11.90 48.24 -43.88
CA LYS D 174 -10.69 48.70 -44.56
C LYS D 174 -10.19 47.77 -45.64
N VAL D 175 -10.63 46.51 -45.66
CA VAL D 175 -10.20 45.56 -46.68
C VAL D 175 -11.23 44.45 -46.74
N ASN D 176 -11.47 43.92 -47.94
CA ASN D 176 -12.41 42.82 -48.11
C ASN D 176 -11.86 41.57 -47.42
N ILE D 177 -12.69 40.94 -46.60
CA ILE D 177 -12.27 39.80 -45.79
C ILE D 177 -13.06 38.59 -46.24
N ILE D 178 -12.34 37.52 -46.58
CA ILE D 178 -12.95 36.25 -46.96
C ILE D 178 -12.57 35.22 -45.91
N PRO D 179 -13.48 34.83 -45.02
CA PRO D 179 -13.14 33.84 -43.99
C PRO D 179 -12.95 32.46 -44.59
N LEU D 180 -11.87 31.80 -44.20
CA LEU D 180 -11.57 30.44 -44.64
C LEU D 180 -11.27 29.58 -43.42
N ILE D 181 -11.82 28.37 -43.42
CA ILE D 181 -11.53 27.39 -42.37
C ILE D 181 -10.31 26.61 -42.83
N ALA D 182 -9.15 26.94 -42.25
CA ALA D 182 -7.91 26.29 -42.64
C ALA D 182 -7.91 24.82 -42.25
N LYS D 183 -7.28 24.01 -43.09
CA LYS D 183 -7.15 22.57 -42.86
C LYS D 183 -8.52 21.93 -42.72
N ALA D 184 -9.28 21.97 -43.79
CA ALA D 184 -10.65 21.44 -43.80
C ALA D 184 -10.72 19.93 -43.67
N ASP D 185 -9.60 19.23 -43.89
CA ASP D 185 -9.61 17.78 -43.74
C ASP D 185 -9.68 17.35 -42.29
N THR D 186 -9.58 18.28 -41.34
CA THR D 186 -9.66 17.95 -39.93
C THR D 186 -11.06 17.55 -39.50
N MET D 187 -12.06 17.83 -40.32
CA MET D 187 -13.46 17.75 -39.89
C MET D 187 -14.25 16.80 -40.77
N THR D 188 -15.10 16.01 -40.13
CA THR D 188 -16.13 15.27 -40.83
C THR D 188 -17.16 16.24 -41.39
N PRO D 189 -17.90 15.84 -42.43
CA PRO D 189 -18.84 16.79 -43.05
C PRO D 189 -19.85 17.38 -42.08
N GLU D 190 -20.36 16.57 -41.15
CA GLU D 190 -21.28 17.10 -40.15
C GLU D 190 -20.59 18.13 -39.27
N GLU D 191 -19.36 17.84 -38.85
CA GLU D 191 -18.60 18.77 -38.03
C GLU D 191 -18.35 20.07 -38.78
N CYS D 192 -17.99 19.98 -40.06
CA CYS D 192 -17.73 21.19 -40.84
C CYS D 192 -18.99 22.02 -40.99
N LEU D 193 -20.14 21.37 -41.22
CA LEU D 193 -21.38 22.10 -41.35
C LEU D 193 -21.77 22.80 -40.04
N ARG D 194 -21.60 22.10 -38.92
CA ARG D 194 -21.89 22.70 -37.62
C ARG D 194 -20.96 23.88 -37.33
N PHE D 195 -19.68 23.73 -37.65
CA PHE D 195 -18.72 24.80 -37.43
C PHE D 195 -19.05 26.01 -38.29
N LYS D 196 -19.46 25.77 -39.55
CA LYS D 196 -19.86 26.86 -40.42
C LYS D 196 -21.07 27.59 -39.86
N LYS D 197 -22.07 26.84 -39.39
CA LYS D 197 -23.27 27.47 -38.82
C LYS D 197 -22.92 28.33 -37.62
N GLN D 198 -22.11 27.80 -36.71
CA GLN D 198 -21.73 28.57 -35.53
C GLN D 198 -20.92 29.80 -35.90
N ILE D 199 -20.00 29.67 -36.86
CA ILE D 199 -19.18 30.81 -37.28
C ILE D 199 -20.06 31.91 -37.86
N MET D 200 -21.00 31.54 -38.71
CA MET D 200 -21.88 32.54 -39.31
C MET D 200 -22.77 33.20 -38.25
N LYS D 201 -23.27 32.41 -37.30
CA LYS D 201 -24.05 32.99 -36.21
C LYS D 201 -23.24 34.01 -35.43
N GLU D 202 -21.98 33.68 -35.10
CA GLU D 202 -21.17 34.61 -34.33
C GLU D 202 -20.78 35.84 -35.15
N ILE D 203 -20.58 35.69 -36.46
CA ILE D 203 -20.32 36.85 -37.30
C ILE D 203 -21.52 37.78 -37.32
N HIS D 204 -22.72 37.21 -37.36
CA HIS D 204 -23.91 38.07 -37.33
C HIS D 204 -24.13 38.69 -35.95
N GLU D 205 -23.72 38.01 -34.87
CA GLU D 205 -23.82 38.61 -33.55
C GLU D 205 -22.88 39.80 -33.39
N HIS D 206 -21.66 39.68 -33.92
CA HIS D 206 -20.69 40.77 -33.85
C HIS D 206 -20.92 41.82 -34.91
N LYS D 207 -21.95 41.65 -35.74
CA LYS D 207 -22.27 42.59 -36.82
C LYS D 207 -21.08 42.78 -37.76
N ILE D 208 -20.38 41.69 -38.07
CA ILE D 208 -19.26 41.72 -38.99
C ILE D 208 -19.78 41.58 -40.41
N GLN D 209 -19.35 42.48 -41.29
CA GLN D 209 -19.77 42.48 -42.68
C GLN D 209 -18.63 41.93 -43.54
N LEU D 210 -18.85 40.77 -44.14
CA LEU D 210 -17.89 40.15 -45.04
C LEU D 210 -18.27 40.46 -46.49
N TYR D 211 -17.39 40.06 -47.40
CA TYR D 211 -17.57 40.39 -48.81
C TYR D 211 -18.42 39.33 -49.49
N GLU D 212 -19.60 39.74 -49.96
CA GLU D 212 -20.53 38.84 -50.61
C GLU D 212 -20.20 38.70 -52.09
N PHE D 213 -20.50 37.55 -52.64
CA PHE D 213 -20.09 37.34 -54.02
C PHE D 213 -21.25 37.59 -54.98
N PRO D 214 -20.99 38.28 -56.08
CA PRO D 214 -22.05 38.54 -57.06
C PRO D 214 -22.29 37.36 -57.97
N GLU D 215 -23.46 37.38 -58.62
CA GLU D 215 -23.94 36.33 -59.53
C GLU D 215 -23.55 34.93 -59.08
N CYS D 216 -22.63 34.28 -59.79
CA CYS D 216 -22.13 32.96 -59.41
C CYS D 216 -21.53 32.97 -58.03
N LYS D 227 -25.78 28.96 -55.08
CA LYS D 227 -25.47 27.65 -54.50
C LYS D 227 -24.10 27.66 -53.83
N LEU D 228 -23.15 28.35 -54.45
CA LEU D 228 -21.78 28.41 -53.93
C LEU D 228 -21.63 29.41 -52.78
N LYS D 229 -22.49 30.42 -52.71
CA LYS D 229 -22.45 31.36 -51.60
C LYS D 229 -22.85 30.70 -50.28
N SER D 230 -23.69 29.66 -50.34
CA SER D 230 -24.15 29.02 -49.12
C SER D 230 -23.03 28.27 -48.41
N ARG D 231 -21.89 28.08 -49.06
CA ARG D 231 -20.76 27.37 -48.47
C ARG D 231 -19.86 28.28 -47.65
N VAL D 232 -20.13 29.57 -47.59
CA VAL D 232 -19.33 30.50 -46.78
C VAL D 232 -19.56 30.18 -45.31
N PRO D 233 -18.50 30.12 -44.48
CA PRO D 233 -17.10 30.30 -44.85
C PRO D 233 -16.50 29.07 -45.52
N PHE D 234 -15.63 29.28 -46.50
CA PHE D 234 -15.10 28.20 -47.29
C PHE D 234 -14.16 27.33 -46.47
N ALA D 235 -14.35 26.02 -46.52
CA ALA D 235 -13.45 25.06 -45.92
C ALA D 235 -12.48 24.59 -46.99
N VAL D 236 -11.22 24.94 -46.84
CA VAL D 236 -10.24 24.74 -47.90
C VAL D 236 -9.19 23.73 -47.48
N VAL D 237 -8.71 22.97 -48.45
CA VAL D 237 -7.59 22.06 -48.29
C VAL D 237 -6.55 22.40 -49.34
N GLY D 238 -5.31 22.61 -48.91
CA GLY D 238 -4.23 23.00 -49.80
C GLY D 238 -3.17 21.91 -49.85
N SER D 239 -2.64 21.67 -51.06
CA SER D 239 -1.63 20.65 -51.25
C SER D 239 -0.90 20.92 -52.56
N ASN D 240 0.43 20.95 -52.50
CA ASN D 240 1.25 21.18 -53.67
C ASN D 240 1.69 19.90 -54.36
N THR D 241 1.29 18.74 -53.84
CA THR D 241 1.77 17.45 -54.35
C THR D 241 0.66 16.79 -55.15
N VAL D 242 1.00 16.36 -56.36
CA VAL D 242 0.09 15.62 -57.22
C VAL D 242 0.36 14.12 -57.01
N LEU D 243 -0.70 13.36 -56.86
CA LEU D 243 -0.63 11.93 -56.59
C LEU D 243 -1.50 11.18 -57.58
N GLU D 244 -1.27 9.88 -57.68
CA GLU D 244 -1.97 9.01 -58.64
C GLU D 244 -2.91 8.10 -57.86
N ILE D 245 -4.21 8.28 -58.05
CA ILE D 245 -5.23 7.49 -57.39
C ILE D 245 -6.27 7.09 -58.42
N GLY D 246 -6.65 5.81 -58.43
CA GLY D 246 -7.68 5.34 -59.35
C GLY D 246 -7.38 5.60 -60.80
N GLY D 247 -6.10 5.61 -61.17
CA GLY D 247 -5.71 5.93 -62.54
C GLY D 247 -5.98 7.38 -62.93
N ARG D 248 -5.89 8.30 -61.98
CA ARG D 248 -6.01 9.72 -62.28
C ARG D 248 -5.05 10.51 -61.39
N ARG D 249 -4.60 11.65 -61.91
CA ARG D 249 -3.66 12.51 -61.20
C ARG D 249 -4.45 13.62 -60.52
N VAL D 250 -4.35 13.69 -59.19
CA VAL D 250 -5.13 14.61 -58.39
C VAL D 250 -4.23 15.27 -57.35
N ARG D 251 -4.53 16.52 -57.03
CA ARG D 251 -3.88 17.17 -55.90
C ARG D 251 -4.61 16.81 -54.62
N GLY D 252 -3.86 16.40 -53.62
CA GLY D 252 -4.49 15.96 -52.38
C GLY D 252 -3.47 15.65 -51.32
N ARG D 253 -3.97 15.09 -50.22
CA ARG D 253 -3.16 14.71 -49.08
C ARG D 253 -3.33 13.23 -48.79
N GLN D 254 -2.21 12.55 -48.52
CA GLN D 254 -2.17 11.10 -48.39
C GLN D 254 -2.14 10.71 -46.92
N TYR D 255 -3.09 9.87 -46.51
CA TYR D 255 -3.17 9.32 -45.18
C TYR D 255 -3.39 7.82 -45.31
N PRO D 256 -3.02 7.04 -44.29
CA PRO D 256 -3.22 5.59 -44.38
C PRO D 256 -4.66 5.20 -44.65
N TRP D 257 -5.62 6.02 -44.25
CA TRP D 257 -7.03 5.71 -44.46
C TRP D 257 -7.59 6.22 -45.78
N GLY D 258 -6.84 7.02 -46.52
CA GLY D 258 -7.33 7.52 -47.78
C GLY D 258 -6.64 8.82 -48.17
N VAL D 259 -7.09 9.37 -49.29
CA VAL D 259 -6.52 10.59 -49.84
C VAL D 259 -7.61 11.66 -49.84
N ALA D 260 -7.34 12.78 -49.19
CA ALA D 260 -8.25 13.91 -49.15
C ALA D 260 -7.97 14.78 -50.36
N GLU D 261 -8.97 14.95 -51.22
CA GLU D 261 -8.80 15.55 -52.53
C GLU D 261 -9.04 17.05 -52.49
N VAL D 262 -8.11 17.81 -53.08
CA VAL D 262 -8.22 19.26 -53.08
C VAL D 262 -9.35 19.72 -54.00
N GLU D 263 -9.47 19.10 -55.18
CA GLU D 263 -10.43 19.54 -56.19
C GLU D 263 -11.69 18.70 -56.21
N ASN D 264 -12.17 18.23 -55.06
CA ASN D 264 -13.44 17.54 -54.94
C ASN D 264 -14.41 18.41 -54.16
N ILE D 265 -15.56 18.71 -54.76
CA ILE D 265 -16.55 19.55 -54.10
C ILE D 265 -17.10 18.86 -52.85
N ASP D 266 -17.10 17.53 -52.83
CA ASP D 266 -17.61 16.78 -51.69
C ASP D 266 -16.62 16.69 -50.54
N HIS D 267 -15.37 17.10 -50.75
CA HIS D 267 -14.35 17.03 -49.72
C HIS D 267 -13.99 18.37 -49.12
N CYS D 268 -13.91 19.42 -49.93
CA CYS D 268 -13.61 20.76 -49.44
C CYS D 268 -14.23 21.77 -50.41
N ASP D 269 -13.88 23.04 -50.24
CA ASP D 269 -14.43 24.12 -51.05
C ASP D 269 -13.34 24.90 -51.75
N PHE D 270 -12.23 24.24 -52.11
CA PHE D 270 -11.13 24.92 -52.78
C PHE D 270 -11.54 25.37 -54.18
N THR D 271 -12.28 24.53 -54.91
CA THR D 271 -12.64 24.86 -56.28
C THR D 271 -13.53 26.10 -56.34
N VAL D 272 -14.46 26.23 -55.39
CA VAL D 272 -15.31 27.40 -55.35
C VAL D 272 -14.49 28.65 -55.11
N LEU D 273 -13.54 28.58 -54.18
CA LEU D 273 -12.71 29.74 -53.87
C LEU D 273 -11.86 30.13 -55.07
N ARG D 274 -11.28 29.16 -55.76
CA ARG D 274 -10.48 29.46 -56.95
C ARG D 274 -11.33 30.11 -58.02
N ASN D 275 -12.53 29.55 -58.28
CA ASN D 275 -13.42 30.12 -59.27
C ASN D 275 -13.77 31.56 -58.93
N MET D 276 -14.09 31.82 -57.66
CA MET D 276 -14.51 33.16 -57.27
C MET D 276 -13.34 34.15 -57.34
N LEU D 277 -12.20 33.79 -56.77
CA LEU D 277 -11.10 34.73 -56.64
C LEU D 277 -10.43 35.01 -57.97
N VAL D 278 -10.16 33.98 -58.75
CA VAL D 278 -9.38 34.12 -59.98
C VAL D 278 -10.29 34.23 -61.20
N ARG D 279 -11.16 33.24 -61.40
CA ARG D 279 -11.82 33.10 -62.69
C ARG D 279 -12.85 34.19 -62.93
N THR D 280 -13.66 34.53 -61.92
CA THR D 280 -14.89 35.26 -62.20
C THR D 280 -15.00 36.61 -61.52
N HIS D 281 -14.73 36.71 -60.23
CA HIS D 281 -15.25 37.80 -59.40
C HIS D 281 -14.13 38.55 -58.69
N MET D 282 -13.15 39.00 -59.47
CA MET D 282 -11.95 39.66 -58.97
C MET D 282 -11.97 41.17 -59.23
N GLN D 283 -12.35 41.57 -60.44
CA GLN D 283 -12.62 42.97 -60.71
C GLN D 283 -13.70 43.51 -59.78
N ASP D 284 -14.61 42.65 -59.33
CA ASP D 284 -15.58 43.07 -58.33
C ASP D 284 -14.90 43.41 -57.02
N LEU D 285 -13.87 42.64 -56.63
CA LEU D 285 -13.11 42.98 -55.44
C LEU D 285 -12.43 44.34 -55.60
N LYS D 286 -11.83 44.57 -56.76
CA LYS D 286 -11.20 45.88 -56.99
C LYS D 286 -12.23 47.01 -56.92
N ASP D 287 -13.41 46.79 -57.50
CA ASP D 287 -14.45 47.81 -57.51
C ASP D 287 -14.97 48.10 -56.10
N VAL D 288 -15.19 47.05 -55.31
CA VAL D 288 -15.70 47.26 -53.95
C VAL D 288 -14.62 47.86 -53.07
N THR D 289 -13.34 47.68 -53.42
CA THR D 289 -12.29 48.36 -52.67
C THR D 289 -12.24 49.84 -53.02
N ASN D 290 -12.37 50.18 -54.30
CA ASN D 290 -12.26 51.58 -54.70
C ASN D 290 -13.50 52.38 -54.32
N ASN D 291 -14.67 51.75 -54.38
CA ASN D 291 -15.92 52.48 -54.19
C ASN D 291 -16.44 52.46 -52.76
N VAL D 292 -15.85 51.66 -51.88
CA VAL D 292 -16.35 51.59 -50.50
C VAL D 292 -15.24 51.90 -49.50
N HIS D 293 -14.19 51.09 -49.51
CA HIS D 293 -13.17 51.22 -48.47
C HIS D 293 -12.26 52.41 -48.71
N TYR D 294 -11.94 52.71 -49.97
CA TYR D 294 -11.09 53.85 -50.25
C TYR D 294 -11.86 55.16 -50.10
N GLU D 295 -13.14 55.16 -50.43
CA GLU D 295 -13.95 56.36 -50.28
C GLU D 295 -14.09 56.75 -48.81
N ASN D 296 -14.30 55.77 -47.93
CA ASN D 296 -14.50 56.07 -46.52
C ASN D 296 -13.25 56.65 -45.88
N TYR D 297 -12.08 56.13 -46.24
CA TYR D 297 -10.84 56.70 -45.74
C TYR D 297 -10.67 58.13 -46.22
N ARG D 298 -10.91 58.37 -47.51
CA ARG D 298 -10.78 59.72 -48.06
C ARG D 298 -11.83 60.64 -47.47
N SER D 299 -13.04 60.13 -47.24
CA SER D 299 -14.08 60.93 -46.60
C SER D 299 -13.67 61.35 -45.21
N LYS D 300 -13.10 60.43 -44.43
CA LYS D 300 -12.61 60.78 -43.11
C LYS D 300 -11.42 61.72 -43.19
N LYS D 301 -10.53 61.49 -44.16
CA LYS D 301 -9.39 62.38 -44.34
C LYS D 301 -9.84 63.77 -44.75
N LEU D 302 -10.87 63.87 -45.59
CA LEU D 302 -11.38 65.15 -46.02
C LEU D 302 -12.42 65.68 -45.04
PB GDP E . -2.19 -28.33 41.89
O1B GDP E . -2.96 -27.26 41.24
O2B GDP E . -2.39 -28.43 43.37
O3B GDP E . -0.78 -28.36 41.44
O3A GDP E . -2.72 -29.74 41.37
PA GDP E . -3.78 -30.07 40.23
O1A GDP E . -5.09 -29.43 40.49
O2A GDP E . -3.79 -31.56 40.18
O5' GDP E . -3.13 -29.59 38.85
C5' GDP E . -3.88 -28.82 37.91
C4' GDP E . -4.09 -29.49 36.56
O4' GDP E . -2.98 -30.28 36.17
C3' GDP E . -5.27 -30.42 36.58
O3' GDP E . -5.98 -30.28 35.35
C2' GDP E . -4.65 -31.78 36.59
O2' GDP E . -5.57 -32.70 36.02
C1' GDP E . -3.42 -31.56 35.76
N9 GDP E . -2.40 -32.57 36.07
C8 GDP E . -2.33 -33.28 37.19
N7 GDP E . -1.29 -34.13 37.15
C5 GDP E . -0.68 -33.97 35.99
C6 GDP E . 0.46 -34.56 35.31
O6 GDP E . 1.14 -35.45 35.86
N1 GDP E . 0.76 -34.14 34.10
C2 GDP E . 0.07 -33.20 33.50
N2 GDP E . 0.44 -32.82 32.27
N3 GDP E . -1.00 -32.61 34.05
C4 GDP E . -1.42 -32.95 35.27
PB GDP F . 11.71 -20.39 25.28
O1B GDP F . 11.93 -19.98 23.87
O2B GDP F . 10.40 -19.97 25.89
O3B GDP F . 12.88 -20.10 26.15
O3A GDP F . 11.57 -21.96 25.21
PA GDP F . 12.23 -22.92 24.14
O1A GDP F . 11.57 -22.70 22.82
O2A GDP F . 13.71 -22.92 24.25
O5' GDP F . 11.70 -24.30 24.70
C5' GDP F . 12.23 -24.85 25.89
C4' GDP F . 12.07 -26.35 25.87
O4' GDP F . 10.71 -26.66 25.67
C3' GDP F . 12.81 -26.96 24.70
O3' GDP F . 13.63 -28.03 25.18
C2' GDP F . 11.74 -27.47 23.77
O2' GDP F . 12.17 -28.72 23.21
C1' GDP F . 10.54 -27.62 24.65
N9 GDP F . 9.35 -27.29 23.87
C8 GDP F . 9.30 -26.40 22.88
N7 GDP F . 8.05 -26.33 22.36
C5 GDP F . 7.29 -27.19 23.03
C6 GDP F . 5.89 -27.60 23.00
O6 GDP F . 5.11 -27.10 22.18
N1 GDP F . 5.47 -28.52 23.86
C2 GDP F . 6.30 -29.05 24.75
N2 GDP F . 5.84 -29.96 25.61
N3 GDP F . 7.60 -28.71 24.83
C4 GDP F . 8.14 -27.81 24.02
PB GDP G . -12.27 20.37 -26.59
O1B GDP G . -12.69 19.62 -25.35
O2B GDP G . -10.86 20.86 -26.43
O3B GDP G . -13.19 21.55 -26.78
O3A GDP G . -12.37 19.40 -27.86
PA GDP G . -13.75 18.68 -28.26
O1A GDP G . -13.81 17.30 -27.68
O2A GDP G . -14.94 19.50 -27.85
O5' GDP G . -13.63 18.62 -29.86
C5' GDP G . -14.49 19.41 -30.67
C4' GDP G . -14.53 18.83 -32.06
O4' GDP G . -13.29 18.18 -32.32
C3' GDP G . -15.61 17.78 -32.16
O3' GDP G . -16.49 18.08 -33.25
C2' GDP G . -14.88 16.48 -32.42
O2' GDP G . -15.56 15.67 -33.36
C1' GDP G . -13.52 16.92 -32.93
N9 GDP G . -12.50 15.93 -32.54
C8 GDP G . -12.53 15.19 -31.42
N7 GDP G . -11.45 14.36 -31.35
C5 GDP G . -10.71 14.58 -32.44
C6 GDP G . -9.46 14.04 -33.00
O6 GDP G . -8.81 13.16 -32.40
N1 GDP G . -9.03 14.53 -34.17
C2 GDP G . -9.70 15.47 -34.84
N2 GDP G . -9.19 15.92 -36.01
N3 GDP G . -10.87 16.00 -34.39
C4 GDP G . -11.41 15.60 -33.23
PB GDP H . 1.79 28.59 -42.85
O1B GDP H . 2.93 28.70 -41.88
O2B GDP H . 0.47 28.98 -42.29
O3B GDP H . 2.09 29.16 -44.20
O3A GDP H . 1.60 27.02 -43.02
PA GDP H . 2.32 26.19 -44.15
O1A GDP H . 3.80 26.26 -44.01
O2A GDP H . 1.69 26.58 -45.44
O5' GDP H . 1.86 24.71 -43.78
C5' GDP H . 1.92 24.22 -42.45
C4' GDP H . 1.92 22.70 -42.44
O4' GDP H . 0.60 22.20 -42.58
C3' GDP H . 2.70 22.11 -43.57
O3' GDP H . 3.42 20.99 -43.08
C2' GDP H . 1.68 21.61 -44.55
O2' GDP H . 2.15 20.43 -45.19
C1' GDP H . 0.49 21.31 -43.67
N9 GDP H . -0.71 21.62 -44.44
C8 GDP H . -0.76 22.51 -45.42
N7 GDP H . -2.00 22.58 -45.95
C5 GDP H . -2.75 21.71 -45.29
C6 GDP H . -4.14 21.30 -45.32
O6 GDP H . -4.91 21.80 -46.14
N1 GDP H . -4.54 20.38 -44.46
C2 GDP H . -3.72 19.84 -43.58
N2 GDP H . -4.20 18.91 -42.74
N3 GDP H . -2.44 20.18 -43.47
C4 GDP H . -1.90 21.09 -44.29
#